data_9GYF
#
_entry.id   9GYF
#
_cell.length_a   1.00
_cell.length_b   1.00
_cell.length_c   1.00
_cell.angle_alpha   90.00
_cell.angle_beta   90.00
_cell.angle_gamma   90.00
#
_symmetry.space_group_name_H-M   'P 1'
#
loop_
_entity.id
_entity.type
_entity.pdbx_description
1 polymer 'X-ray repair cross-complementing protein 6'
2 polymer 'X-ray repair cross-complementing protein 5'
3 polymer 'Protein PAXX'
4 polymer DNA1
5 polymer DNA2
6 non-polymer 'PHOSPHATE ION'
#
loop_
_entity_poly.entity_id
_entity_poly.type
_entity_poly.pdbx_seq_one_letter_code
_entity_poly.pdbx_strand_id
1 'polypeptide(L)'
;MSGWESYYKTEGDEEAEEEQEENLEASGDYKYSGRDSLIFLVDASKAMFESQSEDELTPFDMSIQCIQSVYISKIISSDR
DLLAVVFYGTEKDKNSVNFKNIYVLQELDNPGAKRILELDQFKGQQGQKRFQDMMGHGSDYSLSEVLWVCANLFSDVQFK
MSHKRIMLFTNEDNPHGNDSAKASRARTKAGDLRDTGIFLDLMHLKKPGGFDISLFYRDIISIAEDEDLRVHFEESSKLE
DLLRKVRAKETRKRALSRLKLKLNKDIVISVGIYNLVQKALKPPPIKLYRETNEPVKTKTRTFNTSTGGLLLPSDTKRSQ
IYGSRQIILEKEETEELKRFDDPGLMLMGFKPLVLLKKHHYLRPSLFVYPEESLVIGSSTLFSALLIKCLEKEVAALCRY
TPRRNIPPYFVALVPQEEELDDQKIQVTPPGFQLVFLPFADDKRKMPFTEKIMATPEQVGKMKAIVEKLRFTYRSDSFEN
PVLQQHFRNLEALALDLMEPEQAVDLTLPKVEAMNKRLGSLVDEFKELVYPPDYNPEGKVTKRKHDNEGSGSKRPKVEYS
EEELKTHISKGTLGKFTVPMLKEACRAYGLKSGLKKQELLEALTKHFQD
;
A
2 'polypeptide(L)'
;MVRSGNKAAVVLCMDVGFTMSNSIPGIESPFEQAKKVITMFVQRQVFAENKDEIALVLFGTDGTDNPLSGGDQYQNITVH
RHLMLPDFDLLEDIESKIQPGSQQADFLDALIVSMDVIQHETIGKKFEKRHIEIFTDLSSRFSKSQLDIIIHSLKKCDIS
LQFFLPFSLGKEDGSGDRGDGPFRLGGHGPSFPLKGITEQQKEGLEIVKMVMISLEGEDGLDEIYSFSESLRKLCVFKKI
ERHSIHWPCRLTIGSNLSIRIAAYKSILQERVKKTWTVVDAKTLKKEDIQKETVYCLNDDDETEVLKEDIIQGFRYGSDI
VPFSKVDEEQMKYKSEGKCFSVLGFCKSSQVQRRFFMGNQVLKVFAARDDEAAAVALSSLIHALDDLDMVAIVRYAYDKR
ANPQVGVAFPHIKHNYECLVYVQLPFMEDLRQYMFSSLKNSKKYAPTEAQLNAVDALIDSMSLAKKDEKTDTLEDLFPTT
KIPNPRFQRLFQCLLHRALHPREPLPPIQQHIWNMLNPPAEVTTKSQIPLSKIKTLFPLIEAKKKDQVTAQEIFQDNHED
GPTAKKLKTEQGGAHFSVSSLAEGSVTSVGSVNPAENFRVLVKQKKASFEEASNQLINHIEQFLDTNETPYFMKSIDCIR
AFREEAIKFSEEQRFNNFLKALQEKVEIKQLNHFWEIVVQDGITLITKEEASGSSVTAEEAKKFLAPKDKPSGDTAAVFE
EGGDVDDLLDMI
;
B
3 'polypeptide(L)' CPGESLINPGFKSRKPAGGVDFD C
4 'polydeoxyribonucleotide' (DG)(DA)(DT)(DC)(DC)(DC)(DT)(DC)(DT)(DA)(DG)(DA)(DT)(DA)(DT) D
5 'polydeoxyribonucleotide' (DG)(DA)(DT)(DA)(DT)(DC)(DT)(DA)(DG)(DA)(DG)(DG)(DG)(DA)(DT)(DC) E
#
loop_
_chem_comp.id
_chem_comp.type
_chem_comp.name
_chem_comp.formula
DA DNA linking 2'-DEOXYADENOSINE-5'-MONOPHOSPHATE 'C10 H14 N5 O6 P'
DC DNA linking 2'-DEOXYCYTIDINE-5'-MONOPHOSPHATE 'C9 H14 N3 O7 P'
DG DNA linking 2'-DEOXYGUANOSINE-5'-MONOPHOSPHATE 'C10 H14 N5 O7 P'
DT DNA linking THYMIDINE-5'-MONOPHOSPHATE 'C10 H15 N2 O8 P'
PO4 non-polymer 'PHOSPHATE ION' 'O4 P -3'
#
# COMPACT_ATOMS: atom_id res chain seq x y z
N LYS A 31 3.69 8.03 26.36
CA LYS A 31 2.30 7.68 26.09
C LYS A 31 1.86 8.19 24.73
N TYR A 32 0.66 7.81 24.31
CA TYR A 32 0.11 8.24 23.03
C TYR A 32 -0.66 9.55 23.15
N SER A 33 -1.56 9.63 24.15
CA SER A 33 -2.35 10.85 24.33
C SER A 33 -1.52 12.00 24.89
N GLY A 34 -0.28 11.74 25.32
CA GLY A 34 0.53 12.80 25.87
C GLY A 34 0.89 13.84 24.82
N ARG A 35 1.05 15.08 25.29
CA ARG A 35 1.39 16.20 24.45
C ARG A 35 2.84 16.61 24.69
N ASP A 36 3.34 17.50 23.84
CA ASP A 36 4.66 18.07 23.97
C ASP A 36 4.53 19.53 24.37
N SER A 37 5.16 19.90 25.48
CA SER A 37 5.08 21.25 26.01
C SER A 37 6.46 21.90 25.87
N LEU A 38 6.49 23.07 25.22
CA LEU A 38 7.73 23.77 24.96
C LEU A 38 7.58 25.22 25.38
N ILE A 39 8.55 25.72 26.14
CA ILE A 39 8.57 27.09 26.62
C ILE A 39 9.85 27.75 26.13
N PHE A 40 9.72 28.85 25.41
CA PHE A 40 10.87 29.59 24.92
C PHE A 40 11.21 30.68 25.92
N LEU A 41 12.40 30.60 26.50
CA LEU A 41 12.84 31.54 27.53
C LEU A 41 13.83 32.51 26.89
N VAL A 42 13.35 33.71 26.59
CA VAL A 42 14.15 34.71 25.88
C VAL A 42 14.55 35.80 26.86
N ASP A 43 15.87 36.03 26.97
CA ASP A 43 16.37 37.09 27.82
C ASP A 43 16.14 38.45 27.18
N ALA A 44 15.86 39.44 28.02
CA ALA A 44 15.61 40.81 27.57
C ALA A 44 16.69 41.78 28.06
N SER A 45 17.87 41.27 28.39
CA SER A 45 18.96 42.13 28.82
C SER A 45 19.47 42.97 27.65
N LYS A 46 20.13 44.07 27.99
CA LYS A 46 20.62 44.99 26.96
C LYS A 46 21.65 44.32 26.06
N ALA A 47 22.42 43.38 26.59
CA ALA A 47 23.43 42.70 25.77
C ALA A 47 22.81 41.96 24.60
N MET A 48 21.58 41.49 24.75
CA MET A 48 20.90 40.81 23.65
C MET A 48 20.51 41.76 22.53
N PHE A 49 20.40 43.06 22.83
CA PHE A 49 19.99 44.04 21.83
C PHE A 49 21.18 44.69 21.14
N GLU A 50 22.40 44.25 21.43
CA GLU A 50 23.59 44.78 20.76
C GLU A 50 23.87 43.96 19.50
N SER A 51 24.88 44.38 18.75
CA SER A 51 25.26 43.70 17.52
C SER A 51 26.72 43.97 17.22
N GLN A 52 27.41 42.95 16.71
CA GLN A 52 28.81 43.07 16.34
C GLN A 52 29.01 43.45 14.88
N SER A 53 27.94 43.50 14.09
CA SER A 53 28.04 43.86 12.68
C SER A 53 26.65 44.22 12.18
N GLU A 54 26.60 45.21 11.28
CA GLU A 54 25.32 45.62 10.70
C GLU A 54 24.70 44.49 9.88
N ASP A 55 25.54 43.75 9.15
CA ASP A 55 25.03 42.63 8.36
C ASP A 55 24.44 41.55 9.25
N GLU A 56 25.10 41.25 10.37
CA GLU A 56 24.61 40.23 11.28
C GLU A 56 23.35 40.70 11.99
N LEU A 57 22.52 39.74 12.38
CA LEU A 57 21.29 40.02 13.11
C LEU A 57 21.57 40.05 14.59
N THR A 58 20.97 41.02 15.28
CA THR A 58 21.10 41.07 16.72
C THR A 58 20.45 39.82 17.34
N PRO A 59 20.97 39.33 18.46
CA PRO A 59 20.47 38.06 19.00
C PRO A 59 18.97 38.05 19.26
N PHE A 60 18.38 39.19 19.62
CA PHE A 60 16.96 39.20 19.98
C PHE A 60 16.08 38.81 18.79
N ASP A 61 16.26 39.47 17.66
CA ASP A 61 15.40 39.14 16.52
C ASP A 61 15.76 37.79 15.92
N MET A 62 17.01 37.34 16.08
CA MET A 62 17.36 35.99 15.66
C MET A 62 16.58 34.95 16.49
N SER A 63 16.49 35.17 17.80
CA SER A 63 15.70 34.28 18.64
C SER A 63 14.21 34.37 18.30
N ILE A 64 13.73 35.58 17.99
CA ILE A 64 12.33 35.74 17.59
C ILE A 64 12.04 34.96 16.32
N GLN A 65 12.96 35.01 15.36
CA GLN A 65 12.81 34.22 14.14
C GLN A 65 12.89 32.73 14.43
N CYS A 66 13.72 32.34 15.40
CA CYS A 66 13.75 30.94 15.84
C CYS A 66 12.37 30.51 16.32
N ILE A 67 11.75 31.30 17.20
CA ILE A 67 10.45 30.94 17.74
C ILE A 67 9.40 30.95 16.64
N GLN A 68 9.50 31.88 15.69
CA GLN A 68 8.53 31.91 14.60
C GLN A 68 8.65 30.66 13.72
N SER A 69 9.88 30.25 13.41
CA SER A 69 10.05 29.03 12.62
C SER A 69 9.51 27.82 13.36
N VAL A 70 9.75 27.75 14.67
CA VAL A 70 9.23 26.64 15.47
C VAL A 70 7.71 26.66 15.46
N TYR A 71 7.11 27.84 15.61
CA TYR A 71 5.65 27.95 15.59
C TYR A 71 5.08 27.47 14.27
N ILE A 72 5.66 27.91 13.15
CA ILE A 72 5.13 27.53 11.85
C ILE A 72 5.28 26.03 11.63
N SER A 73 6.44 25.48 11.98
CA SER A 73 6.66 24.05 11.79
C SER A 73 5.71 23.24 12.67
N LYS A 74 5.46 23.69 13.90
CA LYS A 74 4.55 22.97 14.78
C LYS A 74 3.11 23.07 14.28
N ILE A 75 2.72 24.22 13.75
CA ILE A 75 1.37 24.37 13.21
C ILE A 75 1.17 23.41 12.05
N ILE A 76 2.16 23.34 11.15
CA ILE A 76 2.04 22.41 10.03
C ILE A 76 2.04 20.97 10.54
N SER A 77 2.89 20.66 11.51
CA SER A 77 3.13 19.28 11.93
C SER A 77 2.29 18.85 13.11
N SER A 78 2.46 19.51 14.26
CA SER A 78 2.00 18.97 15.54
C SER A 78 1.12 19.99 16.25
N ASP A 79 0.12 20.50 15.53
CA ASP A 79 -0.74 21.58 16.04
C ASP A 79 -1.49 21.21 17.31
N ARG A 80 -1.34 19.97 17.77
CA ARG A 80 -1.92 19.56 19.04
C ARG A 80 -0.99 19.78 20.22
N ASP A 81 0.22 20.26 19.99
CA ASP A 81 1.17 20.50 21.07
C ASP A 81 0.92 21.85 21.71
N LEU A 82 1.69 22.15 22.75
CA LEU A 82 1.56 23.38 23.51
C LEU A 82 2.86 24.17 23.42
N LEU A 83 2.75 25.48 23.17
CA LEU A 83 3.89 26.35 23.04
C LEU A 83 3.65 27.63 23.83
N ALA A 84 4.70 28.09 24.52
CA ALA A 84 4.61 29.31 25.30
C ALA A 84 5.90 30.10 25.15
N VAL A 85 5.80 31.42 25.34
CA VAL A 85 6.93 32.32 25.20
C VAL A 85 7.00 33.20 26.44
N VAL A 86 8.16 33.22 27.10
CA VAL A 86 8.36 33.98 28.32
C VAL A 86 9.61 34.83 28.17
N PHE A 87 9.49 36.10 28.54
CA PHE A 87 10.63 37.02 28.56
C PHE A 87 10.99 37.34 30.00
N TYR A 88 12.28 37.30 30.32
CA TYR A 88 12.77 37.70 31.62
C TYR A 88 13.83 38.78 31.46
N GLY A 89 13.87 39.69 32.44
CA GLY A 89 14.72 40.86 32.37
C GLY A 89 14.02 42.14 31.97
N THR A 90 12.69 42.11 31.81
CA THR A 90 11.94 43.29 31.42
C THR A 90 11.60 44.14 32.65
N GLU A 91 11.26 45.40 32.39
CA GLU A 91 10.84 46.28 33.48
C GLU A 91 9.43 45.93 33.94
N LYS A 92 8.53 45.62 33.01
CA LYS A 92 7.16 45.27 33.34
C LYS A 92 7.06 43.79 33.68
N ASP A 93 6.07 43.45 34.49
CA ASP A 93 5.88 42.09 34.98
C ASP A 93 4.49 41.59 34.61
N LYS A 94 4.40 40.31 34.25
CA LYS A 94 3.12 39.69 33.94
C LYS A 94 3.25 38.19 34.14
N ASN A 95 2.58 37.66 35.16
CA ASN A 95 2.58 36.23 35.44
C ASN A 95 1.48 35.96 36.46
N SER A 96 1.40 34.72 36.92
CA SER A 96 0.41 34.31 37.91
C SER A 96 0.91 34.44 39.34
N VAL A 97 2.15 34.89 39.52
CA VAL A 97 2.74 34.98 40.85
C VAL A 97 3.10 36.42 41.23
N ASN A 98 3.27 37.32 40.25
CA ASN A 98 3.67 38.71 40.44
C ASN A 98 5.14 38.83 40.82
N PHE A 99 5.97 37.90 40.34
CA PHE A 99 7.41 38.08 40.42
C PHE A 99 7.84 39.20 39.48
N LYS A 100 8.80 40.00 39.95
CA LYS A 100 9.25 41.15 39.17
C LYS A 100 10.07 40.70 37.97
N ASN A 101 10.05 41.51 36.92
CA ASN A 101 10.91 41.33 35.74
C ASN A 101 10.62 40.03 35.01
N ILE A 102 9.38 39.55 35.07
CA ILE A 102 8.96 38.36 34.35
C ILE A 102 7.71 38.70 33.56
N TYR A 103 7.78 38.54 32.25
CA TYR A 103 6.63 38.81 31.37
C TYR A 103 6.33 37.55 30.57
N VAL A 104 5.19 36.93 30.86
CA VAL A 104 4.73 35.76 30.13
C VAL A 104 3.86 36.26 28.98
N LEU A 105 4.45 36.35 27.79
CA LEU A 105 3.70 36.84 26.64
C LEU A 105 2.56 35.89 26.27
N GLN A 106 2.84 34.59 26.24
CA GLN A 106 1.84 33.60 25.91
C GLN A 106 1.94 32.43 26.88
N GLU A 107 0.80 31.84 27.22
CA GLU A 107 0.76 30.69 28.10
C GLU A 107 0.76 29.40 27.27
N LEU A 108 0.80 28.27 27.97
CA LEU A 108 0.82 26.98 27.29
C LEU A 108 -0.48 26.75 26.54
N ASP A 109 -0.43 26.80 25.21
CA ASP A 109 -1.63 26.67 24.38
C ASP A 109 -1.21 26.22 23.00
N ASN A 110 -2.18 25.78 22.23
CA ASN A 110 -1.92 25.36 20.86
C ASN A 110 -1.47 26.55 20.03
N PRO A 111 -0.51 26.37 19.13
CA PRO A 111 -0.05 27.48 18.29
C PRO A 111 -1.13 27.92 17.32
N GLY A 112 -1.10 29.21 16.98
CA GLY A 112 -2.05 29.77 16.06
C GLY A 112 -1.46 30.95 15.32
N ALA A 113 -2.23 31.44 14.35
CA ALA A 113 -1.75 32.56 13.53
C ALA A 113 -1.69 33.86 14.31
N LYS A 114 -2.64 34.07 15.24
CA LYS A 114 -2.65 35.30 16.01
C LYS A 114 -1.39 35.43 16.86
N ARG A 115 -0.97 34.35 17.50
CA ARG A 115 0.26 34.38 18.28
C ARG A 115 1.47 34.63 17.39
N ILE A 116 1.48 34.04 16.20
CA ILE A 116 2.59 34.26 15.27
C ILE A 116 2.68 35.73 14.89
N LEU A 117 1.54 36.37 14.60
CA LEU A 117 1.57 37.78 14.25
C LEU A 117 1.96 38.65 15.44
N GLU A 118 1.47 38.30 16.63
CA GLU A 118 1.85 39.04 17.83
C GLU A 118 3.35 38.98 18.05
N LEU A 119 3.96 37.82 17.80
CA LEU A 119 5.41 37.70 17.89
C LEU A 119 6.11 38.45 16.77
N ASP A 120 5.51 38.45 15.57
CA ASP A 120 6.06 39.20 14.44
C ASP A 120 6.11 40.69 14.72
N GLN A 121 5.23 41.17 15.61
CA GLN A 121 5.25 42.60 15.95
C GLN A 121 6.61 43.05 16.44
N PHE A 122 7.41 42.14 17.01
CA PHE A 122 8.76 42.46 17.47
C PHE A 122 9.84 42.06 16.48
N LYS A 123 9.48 41.50 15.32
CA LYS A 123 10.47 40.95 14.41
C LYS A 123 11.29 42.05 13.76
N GLY A 124 12.60 41.87 13.71
CA GLY A 124 13.49 42.75 12.97
C GLY A 124 13.59 44.16 13.54
N GLN A 125 14.14 45.05 12.72
CA GLN A 125 14.27 46.44 13.12
C GLN A 125 12.90 47.08 13.26
N GLN A 126 12.80 48.01 14.22
CA GLN A 126 11.57 48.73 14.56
C GLN A 126 10.63 47.78 15.29
N GLY A 127 10.95 46.49 15.27
CA GLY A 127 10.27 45.53 16.11
C GLY A 127 10.97 45.44 17.44
N GLN A 128 12.30 45.55 17.40
CA GLN A 128 13.07 45.69 18.63
C GLN A 128 12.71 46.98 19.35
N LYS A 129 12.53 48.07 18.60
CA LYS A 129 12.11 49.33 19.20
C LYS A 129 10.72 49.20 19.82
N ARG A 130 9.79 48.52 19.14
CA ARG A 130 8.47 48.32 19.70
C ARG A 130 8.54 47.48 20.97
N PHE A 131 9.35 46.42 20.96
CA PHE A 131 9.50 45.58 22.15
C PHE A 131 10.05 46.40 23.31
N GLN A 132 11.08 47.19 23.07
CA GLN A 132 11.67 48.00 24.12
C GLN A 132 10.71 49.07 24.61
N ASP A 133 9.84 49.58 23.73
CA ASP A 133 8.89 50.61 24.12
C ASP A 133 7.73 50.06 24.92
N MET A 134 7.26 48.84 24.62
CA MET A 134 6.10 48.30 25.30
C MET A 134 6.47 47.39 26.45
N MET A 135 7.64 46.76 26.41
CA MET A 135 8.21 46.06 27.55
C MET A 135 9.58 46.64 27.86
N GLY A 136 9.86 46.85 29.14
CA GLY A 136 11.15 47.35 29.53
C GLY A 136 12.26 46.36 29.27
N HIS A 137 13.50 46.82 29.48
CA HIS A 137 14.66 45.97 29.28
C HIS A 137 15.81 46.50 30.12
N GLY A 138 16.80 45.64 30.33
CA GLY A 138 17.97 45.99 31.10
C GLY A 138 17.82 45.89 32.60
N SER A 139 16.69 45.40 33.09
CA SER A 139 16.48 45.28 34.53
C SER A 139 17.17 44.04 35.07
N ASP A 140 17.38 44.04 36.39
CA ASP A 140 17.99 42.90 37.05
C ASP A 140 16.95 41.80 37.27
N TYR A 141 17.40 40.55 37.14
CA TYR A 141 16.50 39.42 37.24
C TYR A 141 17.00 38.38 38.23
N SER A 142 16.34 37.22 38.27
CA SER A 142 16.74 36.12 39.15
C SER A 142 16.28 34.82 38.51
N LEU A 143 17.24 33.96 38.16
CA LEU A 143 16.91 32.73 37.42
C LEU A 143 15.94 31.85 38.19
N SER A 144 16.08 31.80 39.52
CA SER A 144 15.20 30.94 40.31
C SER A 144 13.75 31.34 40.11
N GLU A 145 13.47 32.64 40.11
CA GLU A 145 12.11 33.10 39.87
C GLU A 145 11.64 32.77 38.46
N VAL A 146 12.55 32.86 37.48
CA VAL A 146 12.20 32.55 36.10
C VAL A 146 11.78 31.09 35.97
N LEU A 147 12.59 30.19 36.53
CA LEU A 147 12.25 28.77 36.46
C LEU A 147 11.03 28.45 37.30
N TRP A 148 10.80 29.19 38.39
CA TRP A 148 9.57 29.04 39.16
C TRP A 148 8.35 29.39 38.30
N VAL A 149 8.44 30.49 37.55
CA VAL A 149 7.35 30.89 36.67
C VAL A 149 7.12 29.84 35.60
N CYS A 150 8.20 29.30 35.03
CA CYS A 150 8.06 28.26 34.02
C CYS A 150 7.40 27.01 34.59
N ALA A 151 7.78 26.62 35.82
CA ALA A 151 7.17 25.46 36.46
C ALA A 151 5.69 25.69 36.72
N ASN A 152 5.33 26.89 37.18
CA ASN A 152 3.92 27.20 37.38
C ASN A 152 3.15 27.16 36.07
N LEU A 153 3.78 27.65 34.99
CA LEU A 153 3.15 27.55 33.67
C LEU A 153 2.92 26.11 33.27
N PHE A 154 3.90 25.24 33.53
CA PHE A 154 3.75 23.83 33.21
C PHE A 154 2.63 23.20 34.02
N SER A 155 2.56 23.51 35.31
CA SER A 155 1.59 22.88 36.20
C SER A 155 0.18 23.43 36.03
N ASP A 156 0.03 24.66 35.56
CA ASP A 156 -1.29 25.28 35.50
C ASP A 156 -2.21 24.55 34.53
N VAL A 157 -1.71 24.23 33.34
CA VAL A 157 -2.54 23.57 32.34
C VAL A 157 -2.79 22.12 32.75
N GLN A 158 -3.94 21.59 32.33
CA GLN A 158 -4.43 20.32 32.84
C GLN A 158 -4.30 19.17 31.86
N PHE A 159 -3.64 19.36 30.72
CA PHE A 159 -3.47 18.27 29.78
C PHE A 159 -2.39 17.29 30.28
N LYS A 160 -2.36 16.12 29.65
CA LYS A 160 -1.34 15.11 29.93
C LYS A 160 -0.24 15.24 28.89
N MET A 161 1.00 15.37 29.35
CA MET A 161 2.13 15.62 28.47
C MET A 161 3.21 14.58 28.68
N SER A 162 3.93 14.27 27.60
CA SER A 162 5.07 13.38 27.67
C SER A 162 6.38 14.13 27.90
N HIS A 163 6.50 15.32 27.33
CA HIS A 163 7.73 16.10 27.40
C HIS A 163 7.43 17.50 27.94
N LYS A 164 8.26 17.95 28.88
CA LYS A 164 8.19 19.30 29.43
C LYS A 164 9.55 19.95 29.18
N ARG A 165 9.66 20.65 28.06
CA ARG A 165 10.93 21.20 27.61
C ARG A 165 10.96 22.71 27.79
N ILE A 166 12.16 23.24 27.97
CA ILE A 166 12.40 24.68 28.03
C ILE A 166 13.62 24.99 27.18
N MET A 167 13.48 25.93 26.26
CA MET A 167 14.59 26.42 25.45
C MET A 167 14.97 27.80 25.95
N LEU A 168 16.14 27.92 26.57
CA LEU A 168 16.62 29.18 27.11
C LEU A 168 17.45 29.90 26.05
N PHE A 169 16.97 31.08 25.63
CA PHE A 169 17.68 31.90 24.66
C PHE A 169 18.40 33.00 25.42
N THR A 170 19.73 32.94 25.45
CA THR A 170 20.53 33.92 26.17
C THR A 170 21.92 33.97 25.57
N ASN A 171 22.65 35.04 25.90
CA ASN A 171 24.02 35.20 25.44
C ASN A 171 24.95 35.66 26.57
N GLU A 172 24.61 35.36 27.81
CA GLU A 172 25.45 35.69 28.96
C GLU A 172 25.85 34.39 29.64
N ASP A 173 27.16 34.19 29.78
CA ASP A 173 27.67 32.95 30.39
C ASP A 173 27.24 32.83 31.84
N ASN A 174 27.48 33.88 32.63
CA ASN A 174 27.12 33.88 34.04
C ASN A 174 26.05 34.92 34.30
N PRO A 175 24.76 34.55 34.27
CA PRO A 175 23.72 35.55 34.57
C PRO A 175 23.89 36.20 35.92
N HIS A 176 24.31 35.44 36.93
CA HIS A 176 24.50 35.94 38.29
C HIS A 176 25.94 35.77 38.74
N GLY A 177 26.89 36.01 37.84
CA GLY A 177 28.30 35.90 38.17
C GLY A 177 28.70 36.71 39.39
N ASN A 178 28.16 37.92 39.51
CA ASN A 178 28.50 38.78 40.65
C ASN A 178 27.86 38.29 41.93
N ASP A 179 26.57 37.95 41.90
CA ASP A 179 25.81 37.60 43.10
C ASP A 179 25.77 36.09 43.28
N SER A 180 26.29 35.63 44.43
CA SER A 180 26.41 34.19 44.66
C SER A 180 25.09 33.56 45.09
N ALA A 181 24.36 34.22 45.99
CA ALA A 181 23.15 33.63 46.55
C ALA A 181 22.11 33.37 45.47
N LYS A 182 21.90 34.33 44.58
CA LYS A 182 20.93 34.16 43.50
C LYS A 182 21.33 33.00 42.60
N ALA A 183 22.62 32.90 42.27
CA ALA A 183 23.10 31.81 41.44
C ALA A 183 22.86 30.46 42.11
N SER A 184 23.17 30.36 43.41
CA SER A 184 22.97 29.11 44.12
C SER A 184 21.51 28.71 44.16
N ARG A 185 20.63 29.68 44.42
CA ARG A 185 19.20 29.40 44.36
C ARG A 185 18.79 28.95 42.97
N ALA A 186 19.43 29.50 41.94
CA ALA A 186 19.14 29.09 40.56
C ALA A 186 19.50 27.63 40.35
N ARG A 187 20.68 27.21 40.82
CA ARG A 187 21.05 25.81 40.65
C ARG A 187 20.11 24.90 41.43
N THR A 188 19.71 25.32 42.64
CA THR A 188 18.79 24.52 43.42
C THR A 188 17.45 24.36 42.70
N LYS A 189 16.92 25.45 42.15
CA LYS A 189 15.65 25.38 41.44
C LYS A 189 15.76 24.54 40.18
N ALA A 190 16.88 24.65 39.46
CA ALA A 190 17.08 23.84 38.27
C ALA A 190 17.15 22.35 38.62
N GLY A 191 17.84 22.03 39.72
CA GLY A 191 17.86 20.64 40.17
C GLY A 191 16.48 20.14 40.54
N ASP A 192 15.68 20.98 41.20
CA ASP A 192 14.31 20.61 41.51
C ASP A 192 13.51 20.34 40.24
N LEU A 193 13.63 21.21 39.25
CA LEU A 193 12.89 21.04 38.00
C LEU A 193 13.34 19.78 37.27
N ARG A 194 14.64 19.49 37.30
CA ARG A 194 15.12 18.22 36.75
C ARG A 194 14.50 17.05 37.50
N ASP A 195 14.38 17.17 38.82
CA ASP A 195 13.79 16.10 39.62
C ASP A 195 12.33 15.86 39.23
N THR A 196 11.56 16.92 39.01
CA THR A 196 10.15 16.72 38.68
C THR A 196 9.91 16.47 37.19
N GLY A 197 10.94 16.54 36.36
CA GLY A 197 10.83 16.16 34.97
C GLY A 197 10.76 17.28 33.96
N ILE A 198 11.44 18.39 34.20
CA ILE A 198 11.49 19.51 33.26
C ILE A 198 12.84 19.48 32.54
N PHE A 199 12.80 19.27 31.23
CA PHE A 199 14.02 19.27 30.43
C PHE A 199 14.41 20.70 30.11
N LEU A 200 15.64 21.07 30.45
CA LEU A 200 16.14 22.42 30.27
C LEU A 200 17.24 22.38 29.22
N ASP A 201 16.98 23.01 28.07
CA ASP A 201 17.96 23.12 27.00
C ASP A 201 18.58 24.51 27.00
N LEU A 202 19.62 24.67 26.20
CA LEU A 202 20.35 25.93 26.13
C LEU A 202 20.60 26.26 24.67
N MET A 203 20.28 27.48 24.27
CA MET A 203 20.31 27.91 22.87
C MET A 203 21.08 29.21 22.73
N HIS A 204 22.31 29.22 23.24
CA HIS A 204 23.10 30.44 23.34
C HIS A 204 23.25 31.13 21.99
N LEU A 205 23.18 32.46 22.02
CA LEU A 205 23.40 33.29 20.85
C LEU A 205 24.87 33.69 20.78
N LYS A 206 25.19 34.64 19.90
CA LYS A 206 26.57 35.06 19.71
C LYS A 206 27.01 36.02 20.80
N LYS A 207 28.23 35.82 21.30
CA LYS A 207 28.82 36.70 22.30
C LYS A 207 30.21 37.09 21.81
N PRO A 208 30.59 38.37 21.92
CA PRO A 208 31.91 38.79 21.41
C PRO A 208 33.08 38.06 22.06
N GLY A 209 32.98 37.75 23.35
CA GLY A 209 34.02 37.05 24.06
C GLY A 209 33.89 35.55 24.09
N GLY A 210 32.97 34.98 23.29
CA GLY A 210 32.71 33.55 23.35
C GLY A 210 31.77 33.22 24.48
N PHE A 211 30.82 32.31 24.23
CA PHE A 211 29.80 32.03 25.24
C PHE A 211 30.42 31.39 26.48
N ASP A 212 31.42 30.54 26.31
CA ASP A 212 32.12 29.89 27.41
C ASP A 212 31.14 29.09 28.29
N ILE A 213 30.53 28.09 27.66
CA ILE A 213 29.67 27.18 28.38
C ILE A 213 30.51 26.45 29.44
N SER A 214 29.84 26.01 30.51
CA SER A 214 30.37 25.32 31.68
C SER A 214 30.95 26.28 32.72
N LEU A 215 30.72 27.59 32.58
CA LEU A 215 31.03 28.50 33.67
C LEU A 215 29.94 28.47 34.74
N PHE A 216 28.68 28.67 34.33
CA PHE A 216 27.54 28.57 35.22
C PHE A 216 26.53 27.53 34.76
N TYR A 217 26.25 27.48 33.46
CA TYR A 217 25.15 26.67 32.93
C TYR A 217 25.42 25.17 33.00
N ARG A 218 26.64 24.74 33.33
CA ARG A 218 26.98 23.32 33.23
C ARG A 218 26.09 22.45 34.10
N ASP A 219 25.81 22.89 35.32
CA ASP A 219 25.15 22.03 36.31
C ASP A 219 23.64 22.12 36.27
N ILE A 220 23.06 22.86 35.32
CA ILE A 220 21.61 23.06 35.25
C ILE A 220 21.01 22.50 33.98
N ILE A 221 21.71 22.59 32.85
CA ILE A 221 21.16 22.12 31.59
C ILE A 221 20.92 20.62 31.67
N SER A 222 19.74 20.18 31.19
CA SER A 222 19.30 18.82 31.38
C SER A 222 20.08 17.80 30.55
N ILE A 223 20.94 18.24 29.63
CA ILE A 223 21.72 17.28 28.86
C ILE A 223 22.64 16.51 29.80
N ALA A 224 23.03 15.31 29.38
CA ALA A 224 23.89 14.47 30.20
C ALA A 224 25.21 15.17 30.52
N GLU A 225 25.81 15.81 29.52
CA GLU A 225 27.03 16.57 29.72
C GLU A 225 27.22 17.50 28.53
N ASP A 226 28.06 18.51 28.71
CA ASP A 226 28.43 19.42 27.63
C ASP A 226 29.30 18.64 26.65
N GLU A 227 28.71 18.24 25.52
CA GLU A 227 29.46 17.47 24.53
C GLU A 227 30.68 18.24 24.04
N ASP A 228 30.53 19.54 23.80
CA ASP A 228 31.64 20.42 23.46
C ASP A 228 31.84 21.39 24.61
N LEU A 229 33.03 21.34 25.22
CA LEU A 229 33.38 22.23 26.32
C LEU A 229 34.22 23.41 25.85
N ARG A 230 34.05 23.84 24.61
CA ARG A 230 34.77 24.99 24.07
C ARG A 230 34.10 26.27 24.57
N VAL A 231 34.49 27.41 23.99
CA VAL A 231 33.91 28.69 24.37
C VAL A 231 32.84 29.17 23.39
N HIS A 232 32.77 28.58 22.19
CA HIS A 232 31.68 28.83 21.24
C HIS A 232 31.59 30.30 20.85
N PHE A 233 32.63 30.77 20.15
CA PHE A 233 32.59 32.09 19.56
C PHE A 233 31.36 32.26 18.66
N GLU A 234 30.97 31.20 17.96
CA GLU A 234 29.81 31.25 17.09
C GLU A 234 28.54 30.95 17.88
N GLU A 235 27.39 31.17 17.24
CA GLU A 235 26.10 30.95 17.85
C GLU A 235 25.31 29.80 17.26
N SER A 236 25.53 29.48 15.98
CA SER A 236 24.72 28.47 15.28
C SER A 236 25.12 27.08 15.76
N SER A 237 24.73 26.79 17.01
CA SER A 237 24.93 25.46 17.56
C SER A 237 23.88 24.50 17.03
N LYS A 238 22.62 24.78 17.32
CA LYS A 238 21.52 24.00 16.77
C LYS A 238 20.39 24.89 16.26
N LEU A 239 20.57 26.21 16.26
CA LEU A 239 19.53 27.11 15.76
C LEU A 239 19.29 26.93 14.27
N GLU A 240 20.29 26.45 13.52
CA GLU A 240 20.09 26.17 12.11
C GLU A 240 19.04 25.09 11.91
N ASP A 241 18.97 24.13 12.82
CA ASP A 241 17.91 23.12 12.76
C ASP A 241 16.54 23.74 12.98
N LEU A 242 16.46 24.72 13.88
CA LEU A 242 15.18 25.36 14.14
C LEU A 242 14.74 26.22 12.97
N LEU A 243 15.65 27.04 12.42
CA LEU A 243 15.30 27.85 11.26
C LEU A 243 14.98 27.01 10.02
N ARG A 244 15.47 25.77 9.97
CA ARG A 244 15.21 24.92 8.81
C ARG A 244 13.78 24.42 8.91
N LYS A 245 12.92 24.93 8.03
CA LYS A 245 11.51 24.59 8.04
C LYS A 245 11.29 23.37 7.15
N VAL A 246 10.76 22.30 7.74
CA VAL A 246 10.33 21.12 7.00
C VAL A 246 8.86 20.89 7.33
N ARG A 247 8.03 20.85 6.29
CA ARG A 247 6.59 20.78 6.45
C ARG A 247 6.13 19.35 6.22
N ALA A 248 5.74 18.68 7.32
CA ALA A 248 5.24 17.31 7.25
C ALA A 248 4.38 17.09 8.49
N LYS A 249 3.39 16.20 8.35
CA LYS A 249 2.39 16.05 9.41
C LYS A 249 2.99 15.48 10.69
N GLU A 250 3.89 14.51 10.58
CA GLU A 250 4.51 13.87 11.75
C GLU A 250 3.46 13.25 12.66
N THR A 251 2.77 12.24 12.13
CA THR A 251 1.77 11.52 12.91
C THR A 251 2.44 10.70 14.01
N ARG A 252 1.73 10.57 15.14
CA ARG A 252 2.26 9.84 16.27
C ARG A 252 2.23 8.34 16.01
N LYS A 253 3.06 7.61 16.76
CA LYS A 253 3.15 6.16 16.60
C LYS A 253 1.94 5.49 17.23
N ARG A 254 1.29 4.62 16.45
CA ARG A 254 0.14 3.88 16.93
C ARG A 254 -0.02 2.62 16.09
N ALA A 255 -0.29 1.50 16.74
CA ALA A 255 -0.43 0.24 16.03
C ALA A 255 -1.74 0.23 15.25
N LEU A 256 -1.66 -0.13 13.97
CA LEU A 256 -2.87 -0.28 13.18
C LEU A 256 -3.76 -1.38 13.73
N SER A 257 -3.16 -2.49 14.13
CA SER A 257 -3.89 -3.60 14.72
C SER A 257 -2.93 -4.39 15.60
N ARG A 258 -3.42 -4.81 16.77
CA ARG A 258 -2.65 -5.66 17.67
C ARG A 258 -3.14 -7.09 17.48
N LEU A 259 -2.58 -7.74 16.46
CA LEU A 259 -3.05 -9.06 16.05
C LEU A 259 -2.28 -10.16 16.78
N LYS A 260 -2.55 -11.40 16.41
CA LYS A 260 -1.91 -12.56 17.02
C LYS A 260 -1.35 -13.44 15.91
N LEU A 261 -0.04 -13.66 15.95
CA LEU A 261 0.62 -14.55 14.99
C LEU A 261 0.54 -15.97 15.55
N LYS A 262 -0.18 -16.83 14.86
CA LYS A 262 -0.39 -18.20 15.30
C LYS A 262 0.47 -19.14 14.47
N LEU A 263 1.24 -19.99 15.15
CA LEU A 263 2.10 -20.93 14.44
C LEU A 263 1.28 -22.07 13.85
N ASN A 264 0.63 -22.88 14.69
CA ASN A 264 -0.38 -23.80 14.18
C ASN A 264 -1.76 -23.54 14.78
N LYS A 265 -1.95 -23.79 16.07
CA LYS A 265 -3.14 -23.32 16.76
C LYS A 265 -2.90 -23.03 18.24
N ASP A 266 -1.71 -23.22 18.75
CA ASP A 266 -1.43 -23.08 20.17
C ASP A 266 -0.25 -22.17 20.46
N ILE A 267 0.79 -22.22 19.63
CA ILE A 267 1.92 -21.31 19.78
C ILE A 267 1.52 -19.98 19.15
N VAL A 268 0.94 -19.10 19.95
CA VAL A 268 0.41 -17.83 19.48
C VAL A 268 1.18 -16.71 20.17
N ILE A 269 1.83 -15.86 19.39
CA ILE A 269 2.53 -14.71 19.92
C ILE A 269 1.75 -13.46 19.56
N SER A 270 2.02 -12.38 20.28
CA SER A 270 1.32 -11.11 20.09
C SER A 270 2.24 -10.14 19.36
N VAL A 271 1.75 -9.59 18.25
CA VAL A 271 2.51 -8.65 17.44
C VAL A 271 1.65 -7.42 17.20
N GLY A 272 2.28 -6.40 16.64
CA GLY A 272 1.60 -5.18 16.27
C GLY A 272 1.98 -4.76 14.88
N ILE A 273 1.02 -4.18 14.17
CA ILE A 273 1.16 -3.79 12.77
C ILE A 273 1.20 -2.27 12.70
N TYR A 274 2.23 -1.74 12.05
CA TYR A 274 2.43 -0.32 11.89
C TYR A 274 2.60 0.00 10.41
N ASN A 275 2.37 1.26 10.06
CA ASN A 275 2.58 1.74 8.70
C ASN A 275 3.79 2.65 8.71
N LEU A 276 4.94 2.13 8.28
CA LEU A 276 6.15 2.94 8.21
C LEU A 276 6.10 3.94 7.07
N VAL A 277 5.33 3.65 6.02
CA VAL A 277 5.10 4.58 4.92
C VAL A 277 3.60 4.65 4.68
N GLN A 278 3.08 5.86 4.56
CA GLN A 278 1.66 6.05 4.28
C GLN A 278 1.48 7.34 3.50
N LYS A 279 0.68 7.28 2.44
CA LYS A 279 0.48 8.43 1.57
C LYS A 279 -0.05 9.61 2.37
N ALA A 280 0.71 10.70 2.37
CA ALA A 280 0.30 11.90 3.09
C ALA A 280 -0.81 12.61 2.32
N LEU A 281 -1.95 12.80 2.97
CA LEU A 281 -3.12 13.38 2.34
C LEU A 281 -3.24 14.86 2.68
N LYS A 282 -3.78 15.62 1.73
CA LYS A 282 -4.16 16.99 2.01
C LYS A 282 -5.25 17.01 3.08
N PRO A 283 -5.17 17.90 4.05
CA PRO A 283 -6.20 17.96 5.10
C PRO A 283 -7.56 18.21 4.49
N PRO A 284 -8.60 17.57 5.02
CA PRO A 284 -9.92 17.71 4.43
C PRO A 284 -10.55 19.03 4.82
N PRO A 285 -11.12 19.75 3.85
CA PRO A 285 -11.75 21.05 4.17
C PRO A 285 -12.91 20.87 5.11
N ILE A 286 -13.09 21.83 6.00
CA ILE A 286 -14.19 21.82 6.96
C ILE A 286 -15.22 22.86 6.55
N LYS A 287 -16.48 22.56 6.84
CA LYS A 287 -17.60 23.43 6.49
C LYS A 287 -17.96 24.30 7.68
N LEU A 288 -18.07 25.60 7.46
CA LEU A 288 -18.38 26.53 8.53
C LEU A 288 -19.47 27.51 8.08
N TYR A 289 -20.06 28.20 9.04
CA TYR A 289 -21.13 29.14 8.75
C TYR A 289 -20.61 30.31 7.93
N ARG A 290 -21.48 30.82 7.06
CA ARG A 290 -21.07 31.87 6.13
C ARG A 290 -20.67 33.15 6.86
N GLU A 291 -21.43 33.54 7.87
CA GLU A 291 -21.22 34.80 8.56
C GLU A 291 -20.37 34.67 9.82
N THR A 292 -20.76 33.77 10.74
CA THR A 292 -20.06 33.66 12.02
C THR A 292 -18.73 32.95 11.90
N ASN A 293 -18.50 32.22 10.80
CA ASN A 293 -17.26 31.48 10.59
C ASN A 293 -16.99 30.52 11.75
N GLU A 294 -17.97 29.65 12.00
CA GLU A 294 -17.88 28.66 13.06
C GLU A 294 -18.15 27.28 12.48
N PRO A 295 -17.48 26.25 13.00
CA PRO A 295 -17.64 24.91 12.44
C PRO A 295 -19.09 24.44 12.53
N VAL A 296 -19.52 23.70 11.51
CA VAL A 296 -20.89 23.22 11.38
C VAL A 296 -20.87 21.70 11.42
N LYS A 297 -21.65 21.12 12.34
CA LYS A 297 -21.74 19.67 12.44
C LYS A 297 -22.69 19.13 11.38
N THR A 298 -22.33 17.99 10.81
CA THR A 298 -23.11 17.35 9.76
C THR A 298 -23.76 16.09 10.30
N LYS A 299 -25.07 15.96 10.12
CA LYS A 299 -25.82 14.79 10.53
C LYS A 299 -26.58 14.23 9.33
N THR A 300 -26.56 12.91 9.19
CA THR A 300 -27.25 12.23 8.11
C THR A 300 -28.39 11.40 8.69
N ARG A 301 -29.57 11.50 8.08
CA ARG A 301 -30.75 10.79 8.55
C ARG A 301 -31.48 10.20 7.35
N THR A 302 -32.08 9.04 7.55
CA THR A 302 -32.80 8.33 6.50
C THR A 302 -34.21 8.01 6.98
N PHE A 303 -35.21 8.45 6.21
CA PHE A 303 -36.60 8.15 6.51
C PHE A 303 -37.32 7.80 5.22
N ASN A 304 -38.38 7.01 5.36
CA ASN A 304 -39.20 6.66 4.20
C ASN A 304 -39.95 7.88 3.67
N THR A 305 -40.14 7.92 2.35
CA THR A 305 -40.84 9.04 1.73
C THR A 305 -42.34 8.77 1.65
N SER A 306 -42.94 8.37 2.77
CA SER A 306 -44.37 8.23 2.85
C SER A 306 -44.90 8.87 4.12
N THR A 307 -44.07 8.87 5.17
CA THR A 307 -44.46 9.48 6.44
C THR A 307 -43.35 10.32 7.09
N GLY A 308 -42.10 10.19 6.66
CA GLY A 308 -41.01 10.90 7.30
C GLY A 308 -40.47 10.26 8.55
N GLY A 309 -41.03 9.12 8.97
CA GLY A 309 -40.51 8.44 10.14
C GLY A 309 -39.14 7.85 9.85
N LEU A 310 -38.20 8.10 10.77
CA LEU A 310 -36.82 7.66 10.56
C LEU A 310 -36.76 6.15 10.37
N LEU A 311 -35.95 5.71 9.41
CA LEU A 311 -35.80 4.29 9.09
C LEU A 311 -34.70 3.72 9.98
N LEU A 312 -35.09 3.10 11.08
CA LEU A 312 -34.11 2.47 11.95
C LEU A 312 -33.40 1.34 11.20
N PRO A 313 -32.11 1.12 11.47
CA PRO A 313 -31.38 0.09 10.71
C PRO A 313 -31.78 -1.32 11.09
N SER A 314 -33.09 -1.56 11.14
CA SER A 314 -33.63 -2.91 11.31
C SER A 314 -34.87 -3.14 10.45
N ASP A 315 -35.27 -2.17 9.64
CA ASP A 315 -36.42 -2.29 8.75
C ASP A 315 -36.01 -2.03 7.31
N THR A 316 -34.77 -2.35 6.96
CA THR A 316 -34.28 -2.20 5.61
C THR A 316 -33.37 -3.38 5.29
N LYS A 317 -33.20 -3.63 3.99
CA LYS A 317 -32.43 -4.77 3.52
C LYS A 317 -31.59 -4.37 2.33
N ARG A 318 -30.53 -5.14 2.09
CA ARG A 318 -29.66 -4.93 0.94
C ARG A 318 -30.16 -5.71 -0.26
N SER A 319 -30.04 -5.12 -1.44
CA SER A 319 -30.57 -5.71 -2.66
C SER A 319 -29.54 -5.62 -3.78
N GLN A 320 -29.61 -6.59 -4.70
CA GLN A 320 -28.79 -6.56 -5.90
C GLN A 320 -29.60 -7.16 -7.04
N ILE A 321 -29.85 -6.38 -8.08
CA ILE A 321 -30.65 -6.81 -9.22
C ILE A 321 -29.68 -7.20 -10.34
N TYR A 322 -29.59 -8.49 -10.62
CA TYR A 322 -28.65 -8.97 -11.64
C TYR A 322 -29.32 -9.13 -13.00
N GLY A 323 -29.97 -8.06 -13.46
CA GLY A 323 -30.49 -7.96 -14.81
C GLY A 323 -31.97 -8.22 -14.91
N SER A 324 -32.44 -9.28 -14.26
CA SER A 324 -33.88 -9.51 -14.10
C SER A 324 -34.28 -10.04 -12.75
N ARG A 325 -33.35 -10.55 -11.94
CA ARG A 325 -33.66 -11.18 -10.66
C ARG A 325 -33.06 -10.35 -9.54
N GLN A 326 -33.85 -10.07 -8.51
CA GLN A 326 -33.40 -9.31 -7.36
C GLN A 326 -33.04 -10.27 -6.24
N ILE A 327 -31.83 -10.13 -5.71
CA ILE A 327 -31.33 -10.91 -4.60
C ILE A 327 -31.35 -10.02 -3.36
N ILE A 328 -32.01 -10.50 -2.31
CA ILE A 328 -32.25 -9.73 -1.09
C ILE A 328 -31.48 -10.38 0.05
N LEU A 329 -30.64 -9.59 0.73
CA LEU A 329 -29.84 -10.08 1.84
C LEU A 329 -29.90 -9.10 3.00
N GLU A 330 -29.96 -9.63 4.21
CA GLU A 330 -29.82 -8.81 5.39
C GLU A 330 -28.39 -8.28 5.49
N LYS A 331 -28.24 -7.17 6.22
CA LYS A 331 -26.91 -6.61 6.42
C LYS A 331 -26.01 -7.59 7.14
N GLU A 332 -26.57 -8.34 8.11
CA GLU A 332 -25.80 -9.36 8.80
C GLU A 332 -25.32 -10.43 7.83
N GLU A 333 -26.16 -10.82 6.88
CA GLU A 333 -25.74 -11.81 5.88
C GLU A 333 -24.64 -11.25 4.99
N THR A 334 -24.73 -9.97 4.61
CA THR A 334 -23.69 -9.37 3.78
C THR A 334 -22.36 -9.32 4.51
N GLU A 335 -22.41 -9.08 5.83
CA GLU A 335 -21.17 -9.13 6.60
C GLU A 335 -20.68 -10.56 6.76
N GLU A 336 -21.59 -11.52 6.89
CA GLU A 336 -21.21 -12.90 7.13
C GLU A 336 -20.53 -13.52 5.91
N LEU A 337 -21.02 -13.18 4.71
CA LEU A 337 -20.44 -13.79 3.50
C LEU A 337 -19.00 -13.37 3.27
N LYS A 338 -18.50 -12.34 3.96
CA LYS A 338 -17.12 -11.92 3.86
C LYS A 338 -16.24 -12.50 4.95
N ARG A 339 -16.79 -13.35 5.82
CA ARG A 339 -16.06 -13.85 6.98
C ARG A 339 -15.39 -15.17 6.64
N PHE A 340 -14.06 -15.22 6.73
CA PHE A 340 -13.31 -16.44 6.50
C PHE A 340 -12.60 -16.91 7.76
N ASP A 341 -11.78 -16.05 8.38
CA ASP A 341 -10.96 -16.43 9.52
C ASP A 341 -11.05 -15.36 10.59
N ASP A 342 -10.64 -15.74 11.81
CA ASP A 342 -10.54 -14.78 12.88
C ASP A 342 -9.35 -13.85 12.63
N PRO A 343 -9.40 -12.62 13.16
CA PRO A 343 -8.30 -11.69 12.93
C PRO A 343 -6.98 -12.23 13.45
N GLY A 344 -5.90 -11.97 12.70
CA GLY A 344 -4.59 -12.44 13.06
C GLY A 344 -3.81 -12.94 11.85
N LEU A 345 -2.61 -13.46 12.09
CA LEU A 345 -1.77 -14.01 11.03
C LEU A 345 -1.61 -15.51 11.25
N MET A 346 -1.94 -16.29 10.23
CA MET A 346 -1.80 -17.74 10.28
C MET A 346 -0.57 -18.12 9.47
N LEU A 347 0.43 -18.66 10.14
CA LEU A 347 1.69 -19.02 9.48
C LEU A 347 1.46 -20.19 8.54
N MET A 348 1.55 -19.92 7.23
CA MET A 348 1.41 -20.99 6.25
C MET A 348 2.71 -21.75 6.06
N GLY A 349 3.83 -21.04 5.99
CA GLY A 349 5.11 -21.71 5.81
C GLY A 349 6.23 -20.72 5.65
N PHE A 350 7.36 -21.21 5.16
CA PHE A 350 8.53 -20.38 4.90
C PHE A 350 8.97 -20.55 3.46
N LYS A 351 9.20 -19.44 2.76
CA LYS A 351 9.51 -19.43 1.35
C LYS A 351 10.78 -18.63 1.10
N PRO A 352 11.68 -19.12 0.25
CA PRO A 352 12.92 -18.37 -0.02
C PRO A 352 12.62 -17.01 -0.61
N LEU A 353 13.49 -16.04 -0.28
CA LEU A 353 13.26 -14.66 -0.69
C LEU A 353 13.34 -14.50 -2.20
N VAL A 354 14.06 -15.38 -2.90
CA VAL A 354 14.17 -15.27 -4.35
C VAL A 354 12.88 -15.60 -5.06
N LEU A 355 11.92 -16.21 -4.38
CA LEU A 355 10.62 -16.51 -4.96
C LEU A 355 9.64 -15.35 -4.84
N LEU A 356 10.04 -14.26 -4.20
CA LEU A 356 9.22 -13.06 -4.09
C LEU A 356 9.67 -12.08 -5.18
N LYS A 357 8.85 -11.92 -6.21
CA LYS A 357 9.23 -11.09 -7.34
C LYS A 357 9.02 -9.61 -7.03
N LYS A 358 9.92 -8.78 -7.56
CA LYS A 358 9.87 -7.35 -7.28
C LYS A 358 8.65 -6.69 -7.91
N HIS A 359 8.21 -7.17 -9.07
CA HIS A 359 7.13 -6.53 -9.81
C HIS A 359 5.75 -6.99 -9.37
N HIS A 360 5.66 -7.91 -8.41
CA HIS A 360 4.35 -8.30 -7.86
C HIS A 360 3.98 -7.44 -6.65
N TYR A 361 4.01 -6.14 -6.83
CA TYR A 361 3.65 -5.20 -5.77
C TYR A 361 2.15 -4.90 -5.87
N LEU A 362 1.45 -5.00 -4.73
CA LEU A 362 0.01 -4.79 -4.70
C LEU A 362 -0.36 -3.52 -3.94
N ARG A 363 0.02 -3.42 -2.68
CA ARG A 363 -0.30 -2.26 -1.85
C ARG A 363 0.87 -2.03 -0.91
N PRO A 364 0.97 -0.83 -0.32
CA PRO A 364 2.13 -0.54 0.53
C PRO A 364 2.26 -1.54 1.67
N SER A 365 3.50 -1.97 1.91
CA SER A 365 3.78 -2.98 2.91
C SER A 365 3.71 -2.38 4.31
N LEU A 366 3.51 -3.25 5.29
CA LEU A 366 3.40 -2.84 6.69
C LEU A 366 4.60 -3.33 7.48
N PHE A 367 4.59 -3.07 8.77
CA PHE A 367 5.68 -3.45 9.67
C PHE A 367 5.11 -4.24 10.83
N VAL A 368 5.76 -5.35 11.17
CA VAL A 368 5.33 -6.24 12.23
C VAL A 368 6.40 -6.21 13.32
N TYR A 369 5.98 -5.85 14.54
CA TYR A 369 6.87 -5.73 15.68
C TYR A 369 6.25 -6.40 16.90
N PRO A 370 7.03 -7.16 17.68
CA PRO A 370 6.44 -7.94 18.77
C PRO A 370 5.85 -7.07 19.86
N GLU A 371 4.86 -7.63 20.55
CA GLU A 371 4.22 -6.96 21.68
C GLU A 371 4.24 -7.89 22.89
N GLU A 372 4.79 -7.39 23.99
CA GLU A 372 4.84 -8.14 25.23
C GLU A 372 3.68 -7.82 26.17
N SER A 373 2.79 -6.89 25.80
CA SER A 373 1.71 -6.48 26.67
C SER A 373 0.57 -7.49 26.71
N LEU A 374 0.43 -8.33 25.68
CA LEU A 374 -0.66 -9.30 25.62
C LEU A 374 -0.20 -10.72 25.90
N VAL A 375 0.80 -11.21 25.17
CA VAL A 375 1.32 -12.55 25.36
C VAL A 375 2.76 -12.42 25.83
N ILE A 376 3.00 -12.73 27.10
CA ILE A 376 4.33 -12.61 27.67
C ILE A 376 5.23 -13.68 27.07
N GLY A 377 6.41 -13.26 26.61
CA GLY A 377 7.33 -14.15 25.94
C GLY A 377 7.30 -14.10 24.43
N SER A 378 6.51 -13.18 23.86
CA SER A 378 6.44 -13.06 22.41
C SER A 378 7.74 -12.53 21.83
N SER A 379 8.43 -11.65 22.56
CA SER A 379 9.62 -11.01 22.01
C SER A 379 10.74 -12.02 21.77
N THR A 380 10.91 -13.00 22.67
CA THR A 380 11.96 -13.98 22.50
C THR A 380 11.74 -14.82 21.25
N LEU A 381 10.53 -15.34 21.07
CA LEU A 381 10.24 -16.14 19.89
C LEU A 381 10.32 -15.29 18.63
N PHE A 382 9.85 -14.04 18.69
CA PHE A 382 9.94 -13.15 17.54
C PHE A 382 11.40 -12.91 17.15
N SER A 383 12.26 -12.67 18.13
CA SER A 383 13.68 -12.45 17.85
C SER A 383 14.32 -13.70 17.27
N ALA A 384 13.98 -14.87 17.80
CA ALA A 384 14.54 -16.12 17.25
C ALA A 384 14.09 -16.32 15.80
N LEU A 385 12.82 -16.09 15.52
CA LEU A 385 12.32 -16.22 14.15
C LEU A 385 13.01 -15.23 13.23
N LEU A 386 13.17 -13.99 13.67
CA LEU A 386 13.83 -12.97 12.85
C LEU A 386 15.27 -13.36 12.56
N ILE A 387 16.00 -13.82 13.58
CA ILE A 387 17.39 -14.19 13.41
C ILE A 387 17.52 -15.34 12.42
N LYS A 388 16.68 -16.36 12.59
CA LYS A 388 16.81 -17.54 11.72
C LYS A 388 16.36 -17.24 10.30
N CYS A 389 15.33 -16.40 10.14
CA CYS A 389 14.91 -16.03 8.79
C CYS A 389 15.97 -15.19 8.09
N LEU A 390 16.63 -14.29 8.83
CA LEU A 390 17.74 -13.54 8.24
C LEU A 390 18.89 -14.48 7.85
N GLU A 391 19.18 -15.46 8.71
CA GLU A 391 20.27 -16.40 8.41
C GLU A 391 19.96 -17.23 7.18
N LYS A 392 18.73 -17.70 7.05
CA LYS A 392 18.35 -18.59 5.95
C LYS A 392 17.78 -17.85 4.75
N GLU A 393 17.66 -16.53 4.82
CA GLU A 393 17.17 -15.72 3.70
C GLU A 393 15.80 -16.18 3.22
N VAL A 394 14.94 -16.53 4.18
CA VAL A 394 13.57 -16.94 3.88
C VAL A 394 12.61 -15.89 4.43
N ALA A 395 11.34 -16.01 4.04
CA ALA A 395 10.28 -15.13 4.51
C ALA A 395 9.11 -15.99 4.94
N ALA A 396 8.43 -15.56 6.00
CA ALA A 396 7.31 -16.33 6.54
C ALA A 396 6.06 -16.00 5.75
N LEU A 397 5.62 -16.92 4.91
CA LEU A 397 4.37 -16.74 4.18
C LEU A 397 3.21 -17.06 5.11
N CYS A 398 2.33 -16.09 5.30
CA CYS A 398 1.24 -16.14 6.26
C CYS A 398 -0.06 -15.72 5.60
N ARG A 399 -1.17 -16.02 6.27
CA ARG A 399 -2.50 -15.60 5.85
C ARG A 399 -2.95 -14.47 6.78
N TYR A 400 -3.20 -13.31 6.20
CA TYR A 400 -3.42 -12.08 6.94
C TYR A 400 -4.89 -11.71 6.92
N THR A 401 -5.48 -11.56 8.10
CA THR A 401 -6.85 -11.07 8.28
C THR A 401 -6.79 -9.90 9.24
N PRO A 402 -6.82 -8.66 8.74
CA PRO A 402 -6.62 -7.51 9.62
C PRO A 402 -7.68 -7.37 10.71
N ARG A 403 -8.92 -7.73 10.43
CA ARG A 403 -10.00 -7.59 11.40
C ARG A 403 -11.15 -8.50 11.01
N ARG A 404 -12.18 -8.52 11.84
CA ARG A 404 -13.31 -9.43 11.64
C ARG A 404 -14.07 -9.06 10.37
N ASN A 405 -14.66 -10.09 9.76
CA ASN A 405 -15.49 -9.93 8.56
C ASN A 405 -14.72 -9.26 7.43
N ILE A 406 -13.49 -9.72 7.22
CA ILE A 406 -12.68 -9.27 6.09
C ILE A 406 -12.03 -10.49 5.45
N PRO A 407 -12.12 -10.65 4.14
CA PRO A 407 -11.48 -11.79 3.47
C PRO A 407 -9.98 -11.75 3.66
N PRO A 408 -9.33 -12.90 3.82
CA PRO A 408 -7.90 -12.90 4.07
C PRO A 408 -7.08 -12.66 2.81
N TYR A 409 -5.88 -12.16 3.01
CA TYR A 409 -4.89 -12.08 1.94
C TYR A 409 -3.71 -12.98 2.28
N PHE A 410 -2.84 -13.16 1.31
CA PHE A 410 -1.59 -13.88 1.51
C PHE A 410 -0.46 -12.87 1.58
N VAL A 411 0.27 -12.88 2.68
CA VAL A 411 1.34 -11.90 2.88
C VAL A 411 2.63 -12.65 3.20
N ALA A 412 3.74 -11.94 3.04
CA ALA A 412 5.06 -12.45 3.34
C ALA A 412 5.69 -11.55 4.39
N LEU A 413 6.09 -12.14 5.51
CA LEU A 413 6.87 -11.44 6.53
C LEU A 413 8.33 -11.61 6.16
N VAL A 414 8.91 -10.57 5.59
CA VAL A 414 10.32 -10.57 5.19
C VAL A 414 11.14 -10.05 6.37
N PRO A 415 12.12 -10.79 6.86
CA PRO A 415 12.92 -10.29 7.98
C PRO A 415 13.61 -8.99 7.62
N GLN A 416 13.67 -8.08 8.58
CA GLN A 416 14.19 -6.74 8.36
C GLN A 416 15.15 -6.42 9.51
N GLU A 417 16.45 -6.54 9.23
CA GLU A 417 17.46 -6.32 10.24
C GLU A 417 17.60 -4.83 10.56
N GLU A 418 17.91 -4.53 11.82
CA GLU A 418 18.12 -3.16 12.23
C GLU A 418 19.35 -2.59 11.52
N GLU A 419 19.20 -1.39 10.97
CA GLU A 419 20.27 -0.71 10.26
C GLU A 419 20.56 0.63 10.92
N LEU A 420 21.82 0.86 11.25
CA LEU A 420 22.26 2.12 11.85
C LEU A 420 23.33 2.75 10.97
N ASP A 421 23.21 4.06 10.76
CA ASP A 421 24.17 4.78 9.92
C ASP A 421 25.42 5.09 10.73
N ASP A 422 26.29 5.96 10.18
CA ASP A 422 27.50 6.35 10.88
C ASP A 422 27.21 7.12 12.16
N GLN A 423 26.04 7.72 12.28
CA GLN A 423 25.66 8.48 13.46
C GLN A 423 24.92 7.64 14.49
N LYS A 424 24.76 6.33 14.25
CA LYS A 424 24.12 5.41 15.18
C LYS A 424 22.66 5.81 15.44
N ILE A 425 21.95 6.11 14.35
CA ILE A 425 20.51 6.37 14.43
C ILE A 425 19.79 5.26 13.69
N GLN A 426 18.56 4.99 14.12
CA GLN A 426 17.79 3.87 13.59
C GLN A 426 17.22 4.26 12.23
N VAL A 427 18.00 3.97 11.18
CA VAL A 427 17.50 4.19 9.83
C VAL A 427 16.41 3.19 9.48
N THR A 428 16.58 1.94 9.88
CA THR A 428 15.64 0.88 9.59
C THR A 428 15.39 0.08 10.87
N PRO A 429 14.15 0.03 11.38
CA PRO A 429 13.91 -0.69 12.62
C PRO A 429 13.93 -2.19 12.38
N PRO A 430 14.26 -2.98 13.40
CA PRO A 430 14.24 -4.43 13.24
C PRO A 430 12.84 -4.98 13.38
N GLY A 431 12.53 -6.00 12.59
CA GLY A 431 11.21 -6.59 12.68
C GLY A 431 10.90 -7.39 11.42
N PHE A 432 9.63 -7.39 11.04
CA PHE A 432 9.23 -8.02 9.80
C PHE A 432 8.52 -7.02 8.91
N GLN A 433 8.74 -7.16 7.60
CA GLN A 433 8.06 -6.35 6.61
C GLN A 433 6.93 -7.17 6.02
N LEU A 434 5.70 -6.70 6.17
CA LEU A 434 4.51 -7.42 5.74
C LEU A 434 4.21 -7.00 4.30
N VAL A 435 4.54 -7.87 3.35
CA VAL A 435 4.38 -7.61 1.93
C VAL A 435 3.13 -8.31 1.44
N PHE A 436 2.24 -7.57 0.79
CA PHE A 436 1.01 -8.15 0.28
C PHE A 436 1.26 -8.84 -1.05
N LEU A 437 0.88 -10.12 -1.14
CA LEU A 437 1.04 -10.87 -2.37
C LEU A 437 -0.23 -10.82 -3.18
N PRO A 438 -0.17 -10.39 -4.44
CA PRO A 438 -1.39 -10.29 -5.25
C PRO A 438 -2.00 -11.66 -5.51
N PHE A 439 -3.32 -11.67 -5.64
CA PHE A 439 -4.03 -12.89 -6.00
C PHE A 439 -3.95 -13.11 -7.51
N ALA A 440 -4.56 -14.19 -7.98
CA ALA A 440 -4.53 -14.49 -9.42
C ALA A 440 -5.26 -13.43 -10.24
N ASP A 441 -6.35 -12.89 -9.71
CA ASP A 441 -7.16 -11.92 -10.44
C ASP A 441 -6.74 -10.48 -10.18
N ASP A 442 -5.68 -10.25 -9.41
CA ASP A 442 -5.10 -8.93 -9.28
C ASP A 442 -4.05 -8.64 -10.35
N LYS A 443 -3.76 -9.61 -11.21
CA LYS A 443 -2.80 -9.45 -12.29
C LYS A 443 -3.54 -9.50 -13.62
N ARG A 444 -3.20 -8.58 -14.51
CA ARG A 444 -3.91 -8.43 -15.79
C ARG A 444 -3.09 -9.01 -16.93
N LYS A 445 -3.76 -9.72 -17.83
CA LYS A 445 -3.12 -10.20 -19.04
C LYS A 445 -2.78 -9.01 -19.94
N MET A 446 -1.70 -9.18 -20.71
CA MET A 446 -1.17 -8.06 -21.47
C MET A 446 -1.00 -8.44 -22.92
N PRO A 447 -1.13 -7.47 -23.83
CA PRO A 447 -1.07 -7.79 -25.27
C PRO A 447 0.27 -8.36 -25.68
N PHE A 448 0.23 -9.30 -26.62
CA PHE A 448 1.46 -9.90 -27.13
C PHE A 448 2.24 -8.88 -27.94
N THR A 449 3.55 -8.81 -27.70
CA THR A 449 4.42 -7.89 -28.40
C THR A 449 5.64 -8.65 -28.91
N GLU A 450 5.98 -8.43 -30.19
CA GLU A 450 7.18 -9.03 -30.74
C GLU A 450 8.42 -8.39 -30.13
N LYS A 451 9.34 -9.21 -29.66
CA LYS A 451 10.56 -8.70 -29.04
C LYS A 451 11.53 -8.23 -30.10
N ILE A 452 11.95 -6.97 -30.00
CA ILE A 452 12.90 -6.36 -30.93
C ILE A 452 14.12 -5.97 -30.10
N MET A 453 15.16 -6.78 -30.16
CA MET A 453 16.38 -6.50 -29.41
C MET A 453 17.22 -5.44 -30.11
N ALA A 454 18.16 -4.88 -29.37
CA ALA A 454 19.01 -3.81 -29.85
C ALA A 454 20.44 -4.30 -30.05
N THR A 455 21.11 -3.74 -31.04
CA THR A 455 22.50 -4.07 -31.30
C THR A 455 23.38 -3.56 -30.17
N PRO A 456 24.53 -4.19 -29.93
CA PRO A 456 25.40 -3.75 -28.83
C PRO A 456 25.89 -2.32 -28.97
N GLU A 457 25.96 -1.77 -30.19
CA GLU A 457 26.39 -0.39 -30.35
C GLU A 457 25.37 0.57 -29.73
N GLN A 458 24.09 0.36 -30.01
CA GLN A 458 23.05 1.19 -29.42
C GLN A 458 23.01 1.02 -27.91
N VAL A 459 23.19 -0.20 -27.42
CA VAL A 459 23.20 -0.44 -25.98
C VAL A 459 24.38 0.27 -25.34
N GLY A 460 25.53 0.28 -26.00
CA GLY A 460 26.68 1.01 -25.46
C GLY A 460 26.46 2.50 -25.42
N LYS A 461 25.87 3.06 -26.48
CA LYS A 461 25.58 4.49 -26.47
C LYS A 461 24.59 4.84 -25.36
N MET A 462 23.55 4.03 -25.19
CA MET A 462 22.60 4.30 -24.12
C MET A 462 23.24 4.10 -22.75
N LYS A 463 24.19 3.17 -22.64
CA LYS A 463 24.93 3.00 -21.39
C LYS A 463 25.73 4.24 -21.05
N ALA A 464 26.37 4.83 -22.06
CA ALA A 464 27.08 6.09 -21.84
C ALA A 464 26.12 7.18 -21.38
N ILE A 465 24.95 7.27 -22.02
CA ILE A 465 23.96 8.27 -21.62
C ILE A 465 23.53 8.05 -20.18
N VAL A 466 23.28 6.78 -19.80
CA VAL A 466 22.83 6.47 -18.45
C VAL A 466 23.92 6.83 -17.44
N GLU A 467 25.17 6.51 -17.76
CA GLU A 467 26.26 6.84 -16.85
C GLU A 467 26.44 8.35 -16.70
N LYS A 468 26.09 9.11 -17.75
CA LYS A 468 26.19 10.56 -17.65
C LYS A 468 25.24 11.12 -16.60
N LEU A 469 24.02 10.59 -16.53
CA LEU A 469 22.97 11.12 -15.65
C LEU A 469 22.81 10.30 -14.37
N ARG A 470 23.89 9.76 -13.84
CA ARG A 470 23.82 8.97 -12.62
C ARG A 470 23.77 9.88 -11.40
N PHE A 471 22.89 9.54 -10.45
CA PHE A 471 22.77 10.30 -9.21
C PHE A 471 22.45 9.35 -8.07
N THR A 472 22.75 9.81 -6.85
CA THR A 472 22.50 9.03 -5.65
C THR A 472 21.10 9.31 -5.13
N TYR A 473 20.32 8.25 -4.95
CA TYR A 473 18.93 8.37 -4.57
C TYR A 473 18.73 8.04 -3.09
N ARG A 474 17.94 8.87 -2.42
CA ARG A 474 17.53 8.63 -1.04
C ARG A 474 16.02 8.74 -0.96
N SER A 475 15.44 8.04 0.02
CA SER A 475 13.99 7.99 0.13
C SER A 475 13.40 9.39 0.37
N ASP A 476 14.05 10.19 1.19
CA ASP A 476 13.58 11.54 1.52
C ASP A 476 14.18 12.61 0.62
N SER A 477 14.18 12.37 -0.68
CA SER A 477 14.80 13.29 -1.64
C SER A 477 13.81 14.19 -2.35
N PHE A 478 12.53 13.84 -2.37
CA PHE A 478 11.52 14.62 -3.09
C PHE A 478 10.36 14.96 -2.18
N GLU A 479 9.84 16.16 -2.33
CA GLU A 479 8.68 16.63 -1.58
C GLU A 479 7.46 16.70 -2.50
N ASN A 480 6.30 16.43 -1.92
CA ASN A 480 5.05 16.50 -2.66
C ASN A 480 4.76 17.94 -3.05
N PRO A 481 4.83 18.30 -4.34
CA PRO A 481 4.58 19.70 -4.71
C PRO A 481 3.19 20.18 -4.35
N VAL A 482 2.18 19.30 -4.44
CA VAL A 482 0.83 19.69 -4.11
C VAL A 482 0.71 20.04 -2.63
N LEU A 483 1.26 19.18 -1.77
CA LEU A 483 1.18 19.43 -0.33
C LEU A 483 1.97 20.67 0.06
N GLN A 484 3.16 20.86 -0.52
CA GLN A 484 3.96 22.03 -0.19
C GLN A 484 3.24 23.30 -0.63
N GLN A 485 2.66 23.31 -1.83
CA GLN A 485 1.94 24.49 -2.28
C GLN A 485 0.72 24.74 -1.41
N HIS A 486 0.04 23.69 -0.97
CA HIS A 486 -1.10 23.86 -0.07
C HIS A 486 -0.67 24.48 1.25
N PHE A 487 0.45 24.02 1.80
CA PHE A 487 0.95 24.59 3.05
C PHE A 487 1.32 26.06 2.87
N ARG A 488 1.98 26.40 1.76
CA ARG A 488 2.31 27.80 1.52
C ARG A 488 1.07 28.66 1.38
N ASN A 489 0.07 28.16 0.66
CA ASN A 489 -1.17 28.92 0.49
C ASN A 489 -1.88 29.13 1.83
N LEU A 490 -1.93 28.09 2.65
CA LEU A 490 -2.56 28.22 3.97
C LEU A 490 -1.80 29.21 4.84
N GLU A 491 -0.47 29.16 4.81
CA GLU A 491 0.31 30.12 5.59
C GLU A 491 0.06 31.54 5.12
N ALA A 492 0.02 31.75 3.81
CA ALA A 492 -0.22 33.10 3.29
C ALA A 492 -1.60 33.60 3.65
N LEU A 493 -2.61 32.73 3.59
CA LEU A 493 -3.96 33.14 3.95
C LEU A 493 -4.07 33.47 5.43
N ALA A 494 -3.46 32.64 6.29
CA ALA A 494 -3.60 32.85 7.74
C ALA A 494 -2.81 34.05 8.21
N LEU A 495 -1.58 34.21 7.71
CA LEU A 495 -0.70 35.29 8.16
C LEU A 495 -0.87 36.56 7.36
N ASP A 496 -1.82 36.60 6.41
CA ASP A 496 -2.10 37.78 5.62
C ASP A 496 -0.85 38.28 4.89
N LEU A 497 -0.13 37.34 4.29
CA LEU A 497 1.07 37.69 3.53
C LEU A 497 0.68 38.37 2.21
N MET A 498 1.57 39.24 1.74
CA MET A 498 1.31 39.95 0.49
C MET A 498 1.26 38.99 -0.69
N GLU A 499 2.18 38.02 -0.75
CA GLU A 499 2.23 37.07 -1.83
C GLU A 499 2.77 35.75 -1.28
N PRO A 500 2.10 34.63 -1.57
CA PRO A 500 2.57 33.35 -1.06
C PRO A 500 3.91 32.96 -1.66
N GLU A 501 4.72 32.26 -0.86
CA GLU A 501 5.98 31.73 -1.35
C GLU A 501 5.71 30.53 -2.24
N GLN A 502 6.36 30.50 -3.40
CA GLN A 502 6.19 29.41 -4.35
C GLN A 502 7.13 28.27 -3.98
N ALA A 503 6.56 27.10 -3.75
CA ALA A 503 7.37 25.93 -3.43
C ALA A 503 8.20 25.51 -4.64
N VAL A 504 9.45 25.13 -4.39
CA VAL A 504 10.32 24.67 -5.46
C VAL A 504 9.99 23.22 -5.76
N ASP A 505 9.66 22.93 -7.02
CA ASP A 505 9.29 21.59 -7.44
C ASP A 505 10.56 20.83 -7.78
N LEU A 506 10.97 19.94 -6.90
CA LEU A 506 12.17 19.13 -7.12
C LEU A 506 11.90 17.93 -8.01
N THR A 507 10.64 17.61 -8.28
CA THR A 507 10.32 16.51 -9.18
C THR A 507 10.38 16.90 -10.65
N LEU A 508 10.55 18.16 -10.94
CA LEU A 508 10.70 18.59 -12.33
C LEU A 508 12.11 18.30 -12.81
N PRO A 509 12.27 17.58 -13.92
CA PRO A 509 13.62 17.30 -14.43
C PRO A 509 14.36 18.59 -14.77
N LYS A 510 15.66 18.60 -14.46
CA LYS A 510 16.50 19.77 -14.72
C LYS A 510 16.97 19.69 -16.18
N VAL A 511 16.06 20.07 -17.09
CA VAL A 511 16.28 19.82 -18.51
C VAL A 511 17.55 20.51 -18.99
N GLU A 512 17.78 21.75 -18.56
CA GLU A 512 19.00 22.45 -18.98
C GLU A 512 20.25 21.75 -18.48
N ALA A 513 20.23 21.29 -17.22
CA ALA A 513 21.40 20.66 -16.64
C ALA A 513 21.77 19.38 -17.38
N MET A 514 20.78 18.52 -17.64
CA MET A 514 21.08 17.27 -18.34
C MET A 514 21.36 17.49 -19.83
N ASN A 515 20.78 18.54 -20.43
CA ASN A 515 21.16 18.89 -21.80
C ASN A 515 22.63 19.29 -21.87
N LYS A 516 23.09 20.10 -20.91
CA LYS A 516 24.49 20.47 -20.89
C LYS A 516 25.38 19.28 -20.52
N ARG A 517 24.87 18.37 -19.71
CA ARG A 517 25.67 17.22 -19.28
C ARG A 517 25.85 16.21 -20.41
N LEU A 518 24.80 15.96 -21.19
CA LEU A 518 24.88 14.98 -22.26
C LEU A 518 25.62 15.54 -23.47
N GLY A 519 25.11 16.61 -24.07
CA GLY A 519 25.75 17.20 -25.22
C GLY A 519 25.38 16.52 -26.52
N SER A 520 26.37 15.95 -27.20
CA SER A 520 26.16 15.31 -28.49
C SER A 520 25.78 13.84 -28.37
N LEU A 521 25.70 13.30 -27.15
CA LEU A 521 25.33 11.90 -26.99
C LEU A 521 23.92 11.65 -27.49
N VAL A 522 23.00 12.57 -27.23
CA VAL A 522 21.62 12.39 -27.68
C VAL A 522 21.55 12.35 -29.20
N ASP A 523 22.28 13.25 -29.87
CA ASP A 523 22.26 13.26 -31.33
C ASP A 523 22.81 11.96 -31.90
N GLU A 524 23.92 11.46 -31.36
CA GLU A 524 24.47 10.20 -31.84
C GLU A 524 23.52 9.05 -31.59
N PHE A 525 22.87 9.03 -30.42
CA PHE A 525 21.92 7.96 -30.13
C PHE A 525 20.75 7.99 -31.08
N LYS A 526 20.21 9.18 -31.36
CA LYS A 526 19.09 9.29 -32.28
C LYS A 526 19.51 8.90 -33.70
N GLU A 527 20.74 9.23 -34.09
CA GLU A 527 21.23 8.83 -35.39
C GLU A 527 21.34 7.30 -35.48
N LEU A 528 21.80 6.67 -34.40
CA LEU A 528 21.95 5.21 -34.40
C LEU A 528 20.61 4.51 -34.41
N VAL A 529 19.64 5.04 -33.66
CA VAL A 529 18.38 4.34 -33.46
C VAL A 529 17.29 4.87 -34.38
N TYR A 530 16.97 6.15 -34.25
CA TYR A 530 15.86 6.72 -35.00
C TYR A 530 16.23 6.88 -36.46
N PRO A 531 15.41 6.41 -37.39
CA PRO A 531 15.63 6.69 -38.81
C PRO A 531 15.54 8.18 -39.06
N PRO A 532 16.07 8.66 -40.19
CA PRO A 532 16.07 10.11 -40.46
C PRO A 532 14.72 10.67 -40.89
N ASP A 533 13.63 9.93 -40.70
CA ASP A 533 12.28 10.40 -41.04
C ASP A 533 11.30 10.03 -39.94
N TYR A 534 11.72 10.20 -38.69
CA TYR A 534 10.92 9.81 -37.54
C TYR A 534 10.88 10.94 -36.52
N ASN A 535 9.81 10.98 -35.74
CA ASN A 535 9.65 11.99 -34.70
C ASN A 535 9.80 11.37 -33.31
N ASN B 6 -13.41 -8.22 -27.47
CA ASN B 6 -14.67 -7.81 -26.85
C ASN B 6 -15.52 -9.03 -26.49
N LYS B 7 -16.73 -9.08 -27.05
CA LYS B 7 -17.63 -10.19 -26.78
C LYS B 7 -17.08 -11.48 -27.37
N ALA B 8 -17.19 -12.56 -26.59
CA ALA B 8 -16.63 -13.85 -26.97
C ALA B 8 -17.70 -14.93 -26.84
N ALA B 9 -17.56 -15.99 -27.64
CA ALA B 9 -18.49 -17.11 -27.64
C ALA B 9 -17.78 -18.34 -27.09
N VAL B 10 -18.25 -18.82 -25.94
CA VAL B 10 -17.64 -19.95 -25.24
C VAL B 10 -18.61 -21.12 -25.29
N VAL B 11 -18.07 -22.31 -25.55
CA VAL B 11 -18.85 -23.54 -25.57
C VAL B 11 -18.24 -24.51 -24.58
N LEU B 12 -19.02 -24.91 -23.58
CA LEU B 12 -18.59 -25.87 -22.56
C LEU B 12 -19.12 -27.24 -22.94
N CYS B 13 -18.22 -28.14 -23.33
CA CYS B 13 -18.57 -29.50 -23.71
C CYS B 13 -18.26 -30.41 -22.53
N MET B 14 -19.30 -30.80 -21.81
CA MET B 14 -19.14 -31.58 -20.58
C MET B 14 -19.46 -33.05 -20.83
N ASP B 15 -18.70 -33.92 -20.17
CA ASP B 15 -18.95 -35.36 -20.24
C ASP B 15 -19.96 -35.75 -19.18
N VAL B 16 -20.92 -36.60 -19.57
CA VAL B 16 -22.01 -36.98 -18.68
C VAL B 16 -22.17 -38.49 -18.54
N GLY B 17 -21.58 -39.28 -19.44
CA GLY B 17 -21.83 -40.71 -19.48
C GLY B 17 -21.46 -41.43 -18.18
N PHE B 18 -21.79 -42.72 -18.16
CA PHE B 18 -21.75 -43.51 -16.94
C PHE B 18 -20.35 -43.60 -16.36
N THR B 19 -19.34 -43.77 -17.21
CA THR B 19 -17.98 -43.91 -16.72
C THR B 19 -17.49 -42.65 -15.99
N MET B 20 -18.12 -41.50 -16.24
CA MET B 20 -17.77 -40.28 -15.53
C MET B 20 -18.38 -40.22 -14.14
N SER B 21 -19.23 -41.19 -13.79
CA SER B 21 -19.88 -41.21 -12.48
C SER B 21 -19.21 -42.15 -11.49
N ASN B 22 -18.39 -43.08 -11.94
CA ASN B 22 -17.70 -43.97 -11.01
C ASN B 22 -16.74 -43.17 -10.13
N SER B 23 -16.57 -43.63 -8.90
CA SER B 23 -15.77 -42.91 -7.93
C SER B 23 -14.96 -43.87 -7.08
N ILE B 24 -13.67 -43.57 -6.93
CA ILE B 24 -12.84 -44.30 -5.98
C ILE B 24 -13.10 -43.75 -4.58
N PRO B 25 -13.39 -44.58 -3.59
CA PRO B 25 -13.71 -44.07 -2.25
C PRO B 25 -12.60 -43.18 -1.70
N GLY B 26 -13.00 -42.06 -1.10
CA GLY B 26 -12.07 -41.04 -0.68
C GLY B 26 -11.77 -39.99 -1.72
N ILE B 27 -12.20 -40.18 -2.96
CA ILE B 27 -12.01 -39.22 -4.03
C ILE B 27 -13.37 -38.91 -4.64
N GLU B 28 -13.64 -37.62 -4.82
CA GLU B 28 -14.90 -37.20 -5.41
C GLU B 28 -15.00 -37.67 -6.86
N SER B 29 -16.23 -37.98 -7.28
CA SER B 29 -16.45 -38.44 -8.64
C SER B 29 -16.09 -37.35 -9.65
N PRO B 30 -15.55 -37.73 -10.81
CA PRO B 30 -15.22 -36.72 -11.82
C PRO B 30 -16.42 -35.91 -12.27
N PHE B 31 -17.61 -36.50 -12.26
CA PHE B 31 -18.81 -35.75 -12.62
C PHE B 31 -19.02 -34.57 -11.69
N GLU B 32 -18.87 -34.79 -10.38
CA GLU B 32 -19.06 -33.70 -9.42
C GLU B 32 -17.99 -32.63 -9.58
N GLN B 33 -16.74 -33.02 -9.82
CA GLN B 33 -15.68 -32.02 -10.00
C GLN B 33 -15.92 -31.19 -11.26
N ALA B 34 -16.31 -31.83 -12.36
CA ALA B 34 -16.62 -31.09 -13.56
C ALA B 34 -17.80 -30.16 -13.35
N LYS B 35 -18.81 -30.62 -12.61
CA LYS B 35 -19.94 -29.75 -12.29
C LYS B 35 -19.49 -28.55 -11.47
N LYS B 36 -18.58 -28.76 -10.52
CA LYS B 36 -18.08 -27.64 -9.73
C LYS B 36 -17.33 -26.63 -10.58
N VAL B 37 -16.48 -27.12 -11.50
CA VAL B 37 -15.72 -26.21 -12.34
C VAL B 37 -16.66 -25.41 -13.25
N ILE B 38 -17.63 -26.09 -13.86
CA ILE B 38 -18.56 -25.39 -14.74
C ILE B 38 -19.40 -24.40 -13.95
N THR B 39 -19.80 -24.77 -12.72
CA THR B 39 -20.55 -23.85 -11.88
C THR B 39 -19.74 -22.61 -11.55
N MET B 40 -18.46 -22.78 -11.24
CA MET B 40 -17.61 -21.62 -10.98
C MET B 40 -17.50 -20.73 -12.20
N PHE B 41 -17.30 -21.33 -13.38
CA PHE B 41 -17.18 -20.54 -14.61
C PHE B 41 -18.45 -19.73 -14.87
N VAL B 42 -19.61 -20.40 -14.84
CA VAL B 42 -20.86 -19.72 -15.14
C VAL B 42 -21.19 -18.69 -14.07
N GLN B 43 -20.86 -18.98 -12.81
CA GLN B 43 -21.07 -18.02 -11.74
C GLN B 43 -20.29 -16.74 -12.00
N ARG B 44 -19.01 -16.88 -12.33
CA ARG B 44 -18.21 -15.69 -12.61
C ARG B 44 -18.76 -14.94 -13.82
N GLN B 45 -19.16 -15.66 -14.86
CA GLN B 45 -19.68 -15.00 -16.06
C GLN B 45 -20.98 -14.26 -15.77
N VAL B 46 -21.86 -14.82 -14.96
CA VAL B 46 -23.16 -14.21 -14.72
C VAL B 46 -23.04 -13.04 -13.75
N PHE B 47 -22.39 -13.26 -12.60
CA PHE B 47 -22.39 -12.25 -11.56
C PHE B 47 -21.41 -11.12 -11.82
N ALA B 48 -20.54 -11.24 -12.83
CA ALA B 48 -19.75 -10.12 -13.31
C ALA B 48 -20.43 -9.40 -14.47
N GLU B 49 -21.58 -9.90 -14.91
CA GLU B 49 -22.37 -9.29 -15.99
C GLU B 49 -21.55 -9.13 -17.26
N ASN B 50 -20.71 -10.12 -17.56
CA ASN B 50 -20.01 -10.14 -18.82
C ASN B 50 -20.97 -10.41 -19.97
N LYS B 51 -20.63 -9.88 -21.14
CA LYS B 51 -21.48 -10.01 -22.32
C LYS B 51 -21.15 -11.23 -23.17
N ASP B 52 -20.24 -12.08 -22.70
CA ASP B 52 -19.90 -13.29 -23.44
C ASP B 52 -21.10 -14.24 -23.48
N GLU B 53 -21.29 -14.88 -24.64
CA GLU B 53 -22.37 -15.84 -24.82
C GLU B 53 -21.84 -17.25 -24.62
N ILE B 54 -22.54 -18.03 -23.80
CA ILE B 54 -22.06 -19.35 -23.38
C ILE B 54 -23.06 -20.41 -23.85
N ALA B 55 -22.54 -21.45 -24.50
CA ALA B 55 -23.31 -22.63 -24.83
C ALA B 55 -22.92 -23.77 -23.91
N LEU B 56 -23.65 -24.87 -24.00
CA LEU B 56 -23.41 -26.02 -23.14
C LEU B 56 -23.88 -27.27 -23.87
N VAL B 57 -22.93 -28.15 -24.19
CA VAL B 57 -23.18 -29.39 -24.90
C VAL B 57 -22.80 -30.55 -24.00
N LEU B 58 -23.72 -31.49 -23.81
CA LEU B 58 -23.49 -32.67 -23.00
C LEU B 58 -23.44 -33.88 -23.90
N PHE B 59 -22.38 -34.68 -23.79
CA PHE B 59 -22.22 -35.89 -24.58
C PHE B 59 -22.12 -37.09 -23.65
N GLY B 60 -22.79 -38.17 -24.02
CA GLY B 60 -22.92 -39.34 -23.17
C GLY B 60 -24.27 -39.50 -22.52
N THR B 61 -25.22 -38.59 -22.79
CA THR B 61 -26.54 -38.68 -22.20
C THR B 61 -27.35 -39.79 -22.86
N ASP B 62 -28.44 -40.19 -22.18
CA ASP B 62 -29.31 -41.22 -22.72
C ASP B 62 -29.97 -40.74 -24.01
N GLY B 63 -30.42 -39.48 -24.04
CA GLY B 63 -31.08 -38.94 -25.20
C GLY B 63 -30.10 -38.46 -26.26
N THR B 64 -30.65 -37.88 -27.32
CA THR B 64 -29.85 -37.38 -28.43
C THR B 64 -30.58 -36.19 -29.04
N ASP B 65 -29.99 -35.00 -28.93
CA ASP B 65 -30.59 -33.80 -29.51
C ASP B 65 -29.45 -32.88 -29.94
N ASN B 66 -29.04 -33.01 -31.20
CA ASN B 66 -28.00 -32.18 -31.78
C ASN B 66 -28.31 -31.95 -33.24
N PRO B 67 -27.85 -30.85 -33.83
CA PRO B 67 -28.13 -30.60 -35.26
C PRO B 67 -27.60 -31.68 -36.18
N LEU B 68 -26.49 -32.32 -35.83
CA LEU B 68 -25.89 -33.35 -36.68
C LEU B 68 -26.46 -34.74 -36.43
N SER B 69 -27.55 -34.84 -35.68
CA SER B 69 -28.18 -36.13 -35.39
C SER B 69 -28.96 -36.60 -36.61
N GLY B 70 -28.20 -37.00 -37.64
CA GLY B 70 -28.77 -37.46 -38.88
C GLY B 70 -29.20 -38.91 -38.91
N GLY B 71 -29.07 -39.62 -37.79
CA GLY B 71 -29.41 -41.03 -37.73
C GLY B 71 -28.20 -41.92 -37.75
N ASP B 72 -28.05 -42.73 -36.69
CA ASP B 72 -26.91 -43.63 -36.53
C ASP B 72 -25.57 -42.89 -36.61
N GLN B 73 -25.54 -41.67 -36.09
CA GLN B 73 -24.33 -40.87 -36.09
C GLN B 73 -24.47 -39.76 -35.05
N TYR B 74 -23.37 -39.48 -34.36
CA TYR B 74 -23.33 -38.45 -33.31
C TYR B 74 -24.42 -38.69 -32.26
N GLN B 75 -24.58 -39.94 -31.88
CA GLN B 75 -25.62 -40.31 -30.93
C GLN B 75 -25.16 -40.01 -29.50
N ASN B 76 -26.13 -39.96 -28.59
CA ASN B 76 -25.89 -39.72 -27.17
C ASN B 76 -25.20 -38.40 -26.92
N ILE B 77 -25.44 -37.41 -27.79
CA ILE B 77 -24.91 -36.07 -27.64
C ILE B 77 -26.07 -35.10 -27.74
N THR B 78 -26.22 -34.24 -26.73
CA THR B 78 -27.31 -33.26 -26.70
C THR B 78 -26.74 -31.87 -26.45
N VAL B 79 -27.29 -30.88 -27.16
CA VAL B 79 -26.92 -29.49 -26.97
C VAL B 79 -27.90 -28.93 -25.94
N HIS B 80 -27.48 -28.96 -24.66
CA HIS B 80 -28.37 -28.56 -23.60
C HIS B 80 -28.72 -27.08 -23.68
N ARG B 81 -27.75 -26.23 -23.97
CA ARG B 81 -27.96 -24.79 -23.97
C ARG B 81 -27.30 -24.19 -25.21
N HIS B 82 -28.09 -23.46 -25.99
CA HIS B 82 -27.57 -22.82 -27.20
C HIS B 82 -26.83 -21.52 -26.85
N LEU B 83 -26.18 -20.94 -27.85
CA LEU B 83 -25.39 -19.73 -27.65
C LEU B 83 -26.31 -18.57 -27.28
N MET B 84 -26.20 -18.11 -26.03
CA MET B 84 -26.94 -16.94 -25.57
C MET B 84 -26.28 -16.46 -24.29
N LEU B 85 -26.74 -15.32 -23.81
CA LEU B 85 -26.22 -14.78 -22.55
C LEU B 85 -26.58 -15.72 -21.40
N PRO B 86 -25.64 -16.09 -20.55
CA PRO B 86 -25.98 -16.94 -19.42
C PRO B 86 -26.89 -16.23 -18.43
N ASP B 87 -27.75 -17.01 -17.80
CA ASP B 87 -28.72 -16.49 -16.84
C ASP B 87 -28.78 -17.44 -15.65
N PHE B 88 -29.59 -17.07 -14.65
CA PHE B 88 -29.71 -17.90 -13.46
C PHE B 88 -30.34 -19.24 -13.79
N ASP B 89 -31.11 -19.32 -14.87
CA ASP B 89 -31.68 -20.59 -15.28
C ASP B 89 -30.59 -21.61 -15.59
N LEU B 90 -29.57 -21.20 -16.33
CA LEU B 90 -28.47 -22.12 -16.66
C LEU B 90 -27.79 -22.63 -15.41
N LEU B 91 -27.55 -21.75 -14.43
CA LEU B 91 -27.00 -22.20 -13.16
C LEU B 91 -27.92 -23.20 -12.49
N GLU B 92 -29.24 -22.99 -12.60
CA GLU B 92 -30.18 -23.92 -12.00
C GLU B 92 -30.07 -25.31 -12.64
N ASP B 93 -30.02 -25.39 -13.97
CA ASP B 93 -29.86 -26.72 -14.59
C ASP B 93 -28.52 -27.34 -14.24
N ILE B 94 -27.46 -26.52 -14.22
CA ILE B 94 -26.13 -27.07 -13.89
C ILE B 94 -26.14 -27.66 -12.49
N GLU B 95 -26.76 -26.97 -11.54
CA GLU B 95 -26.72 -27.45 -10.16
C GLU B 95 -27.67 -28.62 -9.93
N SER B 96 -28.85 -28.60 -10.55
CA SER B 96 -29.87 -29.59 -10.19
C SER B 96 -30.39 -30.43 -11.34
N LYS B 97 -30.64 -29.82 -12.50
CA LYS B 97 -31.36 -30.54 -13.55
C LYS B 97 -30.49 -31.59 -14.23
N ILE B 98 -29.23 -31.25 -14.54
CA ILE B 98 -28.38 -32.17 -15.27
C ILE B 98 -28.07 -33.38 -14.40
N GLN B 99 -28.29 -34.57 -14.95
CA GLN B 99 -28.04 -35.82 -14.26
C GLN B 99 -27.13 -36.71 -15.10
N PRO B 100 -26.30 -37.52 -14.46
CA PRO B 100 -25.40 -38.40 -15.21
C PRO B 100 -26.16 -39.42 -16.03
N GLY B 101 -25.62 -39.73 -17.21
CA GLY B 101 -26.23 -40.67 -18.12
C GLY B 101 -25.67 -42.07 -17.96
N SER B 102 -26.05 -42.93 -18.91
CA SER B 102 -25.62 -44.32 -18.91
C SER B 102 -24.86 -44.73 -20.16
N GLN B 103 -24.97 -43.98 -21.26
CA GLN B 103 -24.29 -44.34 -22.49
C GLN B 103 -22.93 -43.66 -22.56
N GLN B 104 -22.25 -43.85 -23.70
CA GLN B 104 -20.94 -43.26 -23.94
C GLN B 104 -20.91 -42.66 -25.33
N ALA B 105 -20.02 -41.69 -25.51
CA ALA B 105 -19.85 -41.04 -26.79
C ALA B 105 -18.40 -40.62 -26.97
N ASP B 106 -17.94 -40.63 -28.22
CA ASP B 106 -16.57 -40.23 -28.52
C ASP B 106 -16.44 -38.71 -28.38
N PHE B 107 -15.39 -38.27 -27.68
CA PHE B 107 -15.23 -36.84 -27.45
C PHE B 107 -14.86 -36.08 -28.72
N LEU B 108 -14.38 -36.77 -29.76
CA LEU B 108 -14.22 -36.10 -31.05
C LEU B 108 -15.56 -35.78 -31.69
N ASP B 109 -16.54 -36.68 -31.55
CA ASP B 109 -17.89 -36.37 -32.02
C ASP B 109 -18.46 -35.18 -31.26
N ALA B 110 -18.22 -35.14 -29.95
CA ALA B 110 -18.66 -34.00 -29.15
C ALA B 110 -17.95 -32.71 -29.58
N LEU B 111 -16.66 -32.81 -29.91
CA LEU B 111 -15.93 -31.66 -30.40
C LEU B 111 -16.50 -31.15 -31.72
N ILE B 112 -16.86 -32.08 -32.61
CA ILE B 112 -17.48 -31.69 -33.88
C ILE B 112 -18.83 -31.02 -33.63
N VAL B 113 -19.61 -31.56 -32.70
CA VAL B 113 -20.90 -30.95 -32.38
C VAL B 113 -20.71 -29.55 -31.83
N SER B 114 -19.73 -29.37 -30.94
CA SER B 114 -19.43 -28.04 -30.42
C SER B 114 -18.96 -27.11 -31.53
N MET B 115 -18.20 -27.64 -32.48
CA MET B 115 -17.80 -26.87 -33.66
C MET B 115 -19.01 -26.35 -34.40
N ASP B 116 -19.97 -27.23 -34.66
CA ASP B 116 -21.17 -26.82 -35.39
C ASP B 116 -21.98 -25.82 -34.59
N VAL B 117 -22.07 -26.00 -33.28
CA VAL B 117 -22.81 -25.05 -32.45
C VAL B 117 -22.17 -23.68 -32.52
N ILE B 118 -20.85 -23.61 -32.41
CA ILE B 118 -20.18 -22.32 -32.44
C ILE B 118 -20.12 -21.73 -33.85
N GLN B 119 -20.27 -22.57 -34.89
CA GLN B 119 -20.24 -22.07 -36.25
C GLN B 119 -21.61 -21.55 -36.69
N HIS B 120 -22.61 -22.43 -36.74
CA HIS B 120 -23.93 -22.02 -37.20
C HIS B 120 -24.82 -21.55 -36.05
N GLU B 121 -24.26 -20.72 -35.18
CA GLU B 121 -25.02 -19.94 -34.22
C GLU B 121 -24.43 -18.56 -34.01
N THR B 122 -23.36 -18.21 -34.70
CA THR B 122 -22.69 -16.94 -34.55
C THR B 122 -22.87 -16.02 -35.76
N ILE B 123 -23.55 -16.49 -36.80
CA ILE B 123 -23.76 -15.67 -37.99
C ILE B 123 -24.63 -14.47 -37.61
N GLY B 124 -24.25 -13.30 -38.08
CA GLY B 124 -24.92 -12.08 -37.69
C GLY B 124 -24.27 -11.41 -36.49
N LYS B 125 -24.22 -12.13 -35.37
CA LYS B 125 -23.57 -11.59 -34.19
C LYS B 125 -22.06 -11.52 -34.39
N LYS B 126 -21.45 -10.51 -33.76
CA LYS B 126 -20.01 -10.29 -33.86
C LYS B 126 -19.33 -10.78 -32.60
N PHE B 127 -18.36 -11.68 -32.77
CA PHE B 127 -17.60 -12.24 -31.66
C PHE B 127 -16.12 -12.06 -31.91
N GLU B 128 -15.41 -11.52 -30.93
CA GLU B 128 -13.97 -11.34 -31.07
C GLU B 128 -13.22 -12.66 -30.90
N LYS B 129 -13.68 -13.53 -30.00
CA LYS B 129 -13.02 -14.79 -29.72
C LYS B 129 -14.04 -15.92 -29.71
N ARG B 130 -13.60 -17.10 -30.14
CA ARG B 130 -14.40 -18.32 -30.10
C ARG B 130 -13.62 -19.37 -29.34
N HIS B 131 -14.20 -19.88 -28.26
CA HIS B 131 -13.48 -20.77 -27.35
C HIS B 131 -14.32 -22.00 -27.04
N ILE B 132 -13.65 -23.13 -26.89
CA ILE B 132 -14.29 -24.39 -26.52
C ILE B 132 -13.53 -25.00 -25.35
N GLU B 133 -14.23 -25.31 -24.27
CA GLU B 133 -13.64 -25.94 -23.09
C GLU B 133 -14.26 -27.31 -22.93
N ILE B 134 -13.43 -28.35 -22.94
CA ILE B 134 -13.87 -29.74 -22.88
C ILE B 134 -13.57 -30.30 -21.51
N PHE B 135 -14.58 -30.84 -20.85
CA PHE B 135 -14.45 -31.55 -19.59
C PHE B 135 -14.79 -33.01 -19.85
N THR B 136 -13.85 -33.91 -19.56
CA THR B 136 -14.04 -35.32 -19.84
C THR B 136 -13.03 -36.14 -19.06
N ASP B 137 -13.27 -37.45 -19.00
CA ASP B 137 -12.37 -38.38 -18.33
C ASP B 137 -11.60 -39.25 -19.30
N LEU B 138 -11.92 -39.21 -20.60
CA LEU B 138 -11.18 -39.93 -21.63
C LEU B 138 -11.18 -41.43 -21.41
N SER B 139 -12.23 -41.95 -20.77
CA SER B 139 -12.35 -43.37 -20.49
C SER B 139 -13.23 -44.10 -21.49
N SER B 140 -13.64 -43.45 -22.56
CA SER B 140 -14.53 -44.04 -23.56
C SER B 140 -13.79 -44.26 -24.87
N ARG B 141 -14.14 -45.34 -25.56
CA ARG B 141 -13.53 -45.63 -26.84
C ARG B 141 -13.90 -44.57 -27.87
N PHE B 142 -12.96 -44.28 -28.75
CA PHE B 142 -13.12 -43.23 -29.75
C PHE B 142 -12.59 -43.71 -31.10
N SER B 143 -12.88 -42.93 -32.13
CA SER B 143 -12.41 -43.20 -33.49
C SER B 143 -11.66 -41.98 -34.00
N LYS B 144 -10.40 -42.18 -34.37
CA LYS B 144 -9.55 -41.08 -34.86
C LYS B 144 -9.60 -41.01 -36.39
N SER B 145 -10.81 -40.88 -36.91
CA SER B 145 -11.03 -40.85 -38.35
C SER B 145 -11.19 -39.45 -38.91
N GLN B 146 -11.67 -38.49 -38.11
CA GLN B 146 -11.89 -37.12 -38.55
C GLN B 146 -10.89 -36.15 -37.93
N LEU B 147 -9.79 -36.65 -37.39
CA LEU B 147 -8.88 -35.80 -36.63
C LEU B 147 -8.29 -34.68 -37.48
N ASP B 148 -7.87 -35.00 -38.71
CA ASP B 148 -7.29 -33.98 -39.59
C ASP B 148 -8.31 -32.90 -39.92
N ILE B 149 -9.55 -33.31 -40.20
CA ILE B 149 -10.60 -32.34 -40.51
C ILE B 149 -10.86 -31.45 -39.31
N ILE B 150 -10.88 -32.04 -38.11
CA ILE B 150 -11.09 -31.26 -36.89
C ILE B 150 -9.98 -30.23 -36.71
N ILE B 151 -8.73 -30.66 -36.88
CA ILE B 151 -7.61 -29.73 -36.69
C ILE B 151 -7.67 -28.61 -37.71
N HIS B 152 -7.96 -28.94 -38.97
CA HIS B 152 -8.05 -27.92 -40.00
C HIS B 152 -9.19 -26.95 -39.70
N SER B 153 -10.32 -27.46 -39.17
CA SER B 153 -11.44 -26.60 -38.83
C SER B 153 -11.08 -25.63 -37.71
N LEU B 154 -10.40 -26.13 -36.67
CA LEU B 154 -9.94 -25.22 -35.62
C LEU B 154 -9.01 -24.16 -36.18
N LYS B 155 -8.05 -24.57 -37.02
CA LYS B 155 -7.08 -23.62 -37.55
C LYS B 155 -7.74 -22.57 -38.42
N LYS B 156 -8.69 -22.97 -39.27
CA LYS B 156 -9.31 -22.03 -40.20
C LYS B 156 -10.30 -21.11 -39.48
N CYS B 157 -11.10 -21.65 -38.57
CA CYS B 157 -12.13 -20.86 -37.92
C CYS B 157 -11.62 -20.06 -36.73
N ASP B 158 -10.33 -20.21 -36.38
CA ASP B 158 -9.72 -19.48 -35.27
C ASP B 158 -10.48 -19.73 -33.96
N ILE B 159 -10.48 -20.98 -33.55
CA ILE B 159 -11.16 -21.42 -32.33
C ILE B 159 -10.14 -22.04 -31.41
N SER B 160 -10.12 -21.60 -30.16
CA SER B 160 -9.18 -22.13 -29.18
C SER B 160 -9.69 -23.44 -28.60
N LEU B 161 -8.89 -24.04 -27.72
CA LEU B 161 -9.27 -25.29 -27.08
C LEU B 161 -8.64 -25.36 -25.69
N GLN B 162 -9.38 -25.94 -24.75
CA GLN B 162 -8.86 -26.24 -23.42
C GLN B 162 -9.43 -27.58 -22.99
N PHE B 163 -8.59 -28.40 -22.37
CA PHE B 163 -8.98 -29.73 -21.93
C PHE B 163 -8.85 -29.83 -20.42
N PHE B 164 -9.88 -30.38 -19.78
CA PHE B 164 -9.90 -30.59 -18.34
C PHE B 164 -10.12 -32.07 -18.08
N LEU B 165 -9.27 -32.66 -17.25
CA LEU B 165 -9.25 -34.09 -17.01
C LEU B 165 -9.28 -34.35 -15.51
N PRO B 166 -9.75 -35.53 -15.10
CA PRO B 166 -9.74 -35.86 -13.66
C PRO B 166 -8.34 -35.96 -13.09
N PHE B 167 -7.32 -36.16 -13.92
CA PHE B 167 -5.96 -36.38 -13.48
C PHE B 167 -5.06 -35.29 -14.04
N SER B 168 -4.14 -34.80 -13.21
CA SER B 168 -3.18 -33.81 -13.66
C SER B 168 -2.24 -34.41 -14.71
N LEU B 169 -1.84 -33.58 -15.67
CA LEU B 169 -0.96 -34.03 -16.73
C LEU B 169 0.40 -34.46 -16.17
N GLY B 170 0.95 -33.70 -15.24
CA GLY B 170 2.23 -34.02 -14.65
C GLY B 170 3.40 -33.78 -15.59
N GLY B 181 -0.68 -39.54 0.32
CA GLY B 181 -1.57 -38.78 1.18
C GLY B 181 -3.00 -38.74 0.67
N PRO B 182 -3.94 -38.40 1.55
CA PRO B 182 -5.34 -38.31 1.13
C PRO B 182 -5.53 -37.23 0.08
N PHE B 183 -6.49 -37.45 -0.80
CA PHE B 183 -6.77 -36.52 -1.89
C PHE B 183 -7.74 -35.45 -1.40
N ARG B 184 -7.36 -34.19 -1.59
CA ARG B 184 -8.19 -33.05 -1.25
C ARG B 184 -8.49 -32.27 -2.51
N LEU B 185 -9.78 -32.07 -2.80
CA LEU B 185 -10.17 -31.38 -4.02
C LEU B 185 -9.79 -29.91 -3.94
N GLY B 186 -9.14 -29.42 -4.99
CA GLY B 186 -8.73 -28.03 -5.06
C GLY B 186 -7.46 -27.70 -4.32
N GLY B 187 -6.86 -28.66 -3.62
CA GLY B 187 -5.67 -28.40 -2.84
C GLY B 187 -4.41 -28.44 -3.68
N HIS B 188 -3.28 -28.22 -2.99
CA HIS B 188 -1.97 -28.27 -3.60
C HIS B 188 -1.30 -29.60 -3.26
N GLY B 189 -0.86 -30.31 -4.29
CA GLY B 189 -0.19 -31.57 -4.08
C GLY B 189 -0.64 -32.64 -5.06
N PRO B 190 -0.51 -33.90 -4.66
CA PRO B 190 -0.85 -35.00 -5.57
C PRO B 190 -2.34 -35.03 -5.89
N SER B 191 -2.64 -35.54 -7.07
CA SER B 191 -3.99 -35.73 -7.58
C SER B 191 -4.21 -37.22 -7.81
N PHE B 192 -5.31 -37.54 -8.50
CA PHE B 192 -5.65 -38.90 -8.91
C PHE B 192 -4.39 -39.63 -9.35
N PRO B 193 -4.13 -40.83 -8.82
CA PRO B 193 -2.81 -41.46 -8.98
C PRO B 193 -2.42 -41.62 -10.44
N LEU B 194 -1.13 -41.43 -10.71
CA LEU B 194 -0.61 -41.58 -12.07
C LEU B 194 -0.70 -43.00 -12.58
N LYS B 195 -0.84 -43.99 -11.69
CA LYS B 195 -1.00 -45.37 -12.13
C LYS B 195 -2.44 -45.69 -12.48
N GLY B 196 -3.40 -44.93 -11.96
CA GLY B 196 -4.80 -45.22 -12.20
C GLY B 196 -5.21 -45.08 -13.66
N ILE B 197 -4.49 -44.26 -14.43
CA ILE B 197 -4.85 -44.02 -15.82
C ILE B 197 -4.82 -45.34 -16.59
N THR B 198 -5.95 -45.67 -17.20
CA THR B 198 -6.09 -46.92 -17.94
C THR B 198 -5.59 -46.75 -19.38
N GLU B 199 -5.50 -47.87 -20.09
CA GLU B 199 -4.96 -47.87 -21.45
C GLU B 199 -5.79 -46.99 -22.38
N GLN B 200 -7.12 -47.10 -22.29
CA GLN B 200 -7.99 -46.23 -23.07
C GLN B 200 -7.75 -44.77 -22.71
N GLN B 201 -7.59 -44.49 -21.41
CA GLN B 201 -7.28 -43.13 -20.99
C GLN B 201 -5.92 -42.69 -21.50
N LYS B 202 -4.96 -43.61 -21.57
CA LYS B 202 -3.65 -43.26 -22.13
C LYS B 202 -3.77 -42.89 -23.60
N GLU B 203 -4.53 -43.66 -24.38
CA GLU B 203 -4.71 -43.33 -25.79
C GLU B 203 -5.42 -42.00 -25.96
N GLY B 204 -6.46 -41.77 -25.16
CA GLY B 204 -7.13 -40.47 -25.22
C GLY B 204 -6.20 -39.33 -24.88
N LEU B 205 -5.36 -39.52 -23.86
CA LEU B 205 -4.43 -38.46 -23.46
C LEU B 205 -3.42 -38.17 -24.56
N GLU B 206 -2.91 -39.21 -25.22
CA GLU B 206 -1.93 -38.98 -26.27
C GLU B 206 -2.56 -38.31 -27.49
N ILE B 207 -3.80 -38.67 -27.82
CA ILE B 207 -4.50 -37.96 -28.90
C ILE B 207 -4.75 -36.52 -28.53
N VAL B 208 -5.14 -36.25 -27.28
CA VAL B 208 -5.38 -34.88 -26.84
C VAL B 208 -4.08 -34.08 -26.91
N LYS B 209 -2.97 -34.68 -26.48
CA LYS B 209 -1.69 -34.01 -26.52
C LYS B 209 -1.28 -33.69 -27.95
N MET B 210 -1.47 -34.63 -28.87
CA MET B 210 -1.14 -34.36 -30.27
C MET B 210 -2.02 -33.26 -30.85
N VAL B 211 -3.30 -33.23 -30.46
CA VAL B 211 -4.20 -32.18 -30.93
C VAL B 211 -3.75 -30.83 -30.43
N MET B 212 -3.38 -30.74 -29.15
CA MET B 212 -2.93 -29.47 -28.59
C MET B 212 -1.62 -29.03 -29.23
N ILE B 213 -0.72 -29.99 -29.51
CA ILE B 213 0.54 -29.64 -30.17
C ILE B 213 0.28 -29.08 -31.56
N SER B 214 -0.56 -29.77 -32.34
CA SER B 214 -0.85 -29.31 -33.69
C SER B 214 -1.69 -28.04 -33.71
N LEU B 215 -2.36 -27.72 -32.61
CA LEU B 215 -3.23 -26.55 -32.59
C LEU B 215 -2.45 -25.28 -32.26
N GLU B 216 -1.68 -25.30 -31.18
CA GLU B 216 -0.92 -24.14 -30.74
C GLU B 216 0.58 -24.35 -30.87
N GLY B 217 1.11 -25.41 -30.30
CA GLY B 217 2.53 -25.66 -30.31
C GLY B 217 2.95 -26.37 -29.03
N GLU B 218 4.20 -26.14 -28.64
CA GLU B 218 4.71 -26.75 -27.42
C GLU B 218 4.00 -26.20 -26.19
N ASP B 219 3.51 -24.95 -26.27
CA ASP B 219 2.78 -24.36 -25.15
C ASP B 219 1.39 -24.96 -24.98
N GLY B 220 0.89 -25.69 -25.98
CA GLY B 220 -0.41 -26.31 -25.84
C GLY B 220 -0.48 -27.30 -24.70
N LEU B 221 0.66 -27.88 -24.32
CA LEU B 221 0.71 -28.77 -23.18
C LEU B 221 0.29 -28.08 -21.89
N ASP B 222 0.37 -26.75 -21.84
CA ASP B 222 -0.06 -25.99 -20.68
C ASP B 222 -1.57 -25.76 -20.65
N GLU B 223 -2.29 -26.18 -21.67
CA GLU B 223 -3.74 -25.99 -21.73
C GLU B 223 -4.52 -27.24 -21.36
N ILE B 224 -3.85 -28.24 -20.80
CA ILE B 224 -4.50 -29.46 -20.32
C ILE B 224 -4.42 -29.43 -18.80
N TYR B 225 -5.53 -29.11 -18.15
CA TYR B 225 -5.58 -28.95 -16.71
C TYR B 225 -6.33 -30.12 -16.07
N SER B 226 -6.38 -30.09 -14.74
CA SER B 226 -7.17 -31.03 -13.96
C SER B 226 -8.24 -30.26 -13.20
N PHE B 227 -9.33 -30.96 -12.87
CA PHE B 227 -10.45 -30.30 -12.19
C PHE B 227 -10.00 -29.69 -10.87
N SER B 228 -9.24 -30.46 -10.08
CA SER B 228 -8.78 -29.97 -8.79
C SER B 228 -7.89 -28.75 -8.94
N GLU B 229 -6.98 -28.78 -9.91
CA GLU B 229 -6.11 -27.62 -10.15
C GLU B 229 -6.84 -26.50 -10.89
N SER B 230 -7.93 -26.81 -11.59
CA SER B 230 -8.71 -25.77 -12.24
C SER B 230 -9.55 -25.00 -11.23
N LEU B 231 -9.97 -25.65 -10.14
CA LEU B 231 -10.75 -24.96 -9.12
C LEU B 231 -9.94 -23.93 -8.34
N ARG B 232 -8.61 -23.94 -8.48
CA ARG B 232 -7.76 -23.00 -7.76
C ARG B 232 -6.92 -22.16 -8.73
N LYS B 233 -7.40 -21.98 -9.96
CA LYS B 233 -6.74 -21.15 -10.94
C LYS B 233 -7.81 -20.41 -11.75
N LEU B 234 -7.35 -19.43 -12.54
CA LEU B 234 -8.20 -18.72 -13.48
C LEU B 234 -8.03 -19.21 -14.90
N CYS B 235 -7.71 -20.50 -15.07
CA CYS B 235 -7.44 -21.03 -16.40
C CYS B 235 -8.69 -21.05 -17.28
N VAL B 236 -9.87 -21.18 -16.67
CA VAL B 236 -11.09 -21.23 -17.46
C VAL B 236 -11.35 -19.89 -18.14
N PHE B 237 -11.01 -18.79 -17.48
CA PHE B 237 -11.22 -17.46 -18.02
C PHE B 237 -10.00 -16.91 -18.75
N LYS B 238 -8.96 -17.73 -18.92
CA LYS B 238 -7.71 -17.22 -19.49
C LYS B 238 -7.89 -16.77 -20.92
N LYS B 239 -8.65 -17.53 -21.72
CA LYS B 239 -8.78 -17.26 -23.14
C LYS B 239 -9.91 -16.31 -23.49
N ILE B 240 -10.69 -15.84 -22.52
CA ILE B 240 -11.85 -15.01 -22.83
C ILE B 240 -11.80 -13.70 -22.06
N GLU B 241 -10.69 -13.45 -21.37
CA GLU B 241 -10.57 -12.22 -20.59
C GLU B 241 -10.12 -11.08 -21.50
N ARG B 242 -10.65 -9.88 -21.23
CA ARG B 242 -10.34 -8.70 -22.03
C ARG B 242 -9.14 -7.99 -21.45
N HIS B 243 -8.15 -7.72 -22.30
CA HIS B 243 -6.94 -7.05 -21.84
C HIS B 243 -7.20 -5.57 -21.56
N SER B 244 -6.35 -4.99 -20.72
CA SER B 244 -6.49 -3.60 -20.33
C SER B 244 -6.16 -2.67 -21.50
N ILE B 245 -6.56 -1.41 -21.35
CA ILE B 245 -6.30 -0.39 -22.35
C ILE B 245 -4.97 0.29 -22.04
N HIS B 246 -4.27 0.71 -23.09
CA HIS B 246 -2.95 1.31 -22.96
C HIS B 246 -3.06 2.80 -22.66
N TRP B 247 -2.01 3.32 -22.01
CA TRP B 247 -1.92 4.74 -21.70
C TRP B 247 -0.77 5.35 -22.48
N PRO B 248 -1.03 6.06 -23.58
CA PRO B 248 0.06 6.55 -24.43
C PRO B 248 0.72 7.79 -23.84
N CYS B 249 2.04 7.79 -23.84
CA CYS B 249 2.82 8.94 -23.41
C CYS B 249 4.16 8.90 -24.14
N ARG B 250 5.11 9.71 -23.68
CA ARG B 250 6.45 9.75 -24.26
C ARG B 250 7.48 9.78 -23.14
N LEU B 251 8.35 8.78 -23.12
CA LEU B 251 9.48 8.79 -22.20
C LEU B 251 10.50 9.81 -22.66
N THR B 252 10.80 10.80 -21.82
CA THR B 252 11.69 11.89 -22.17
C THR B 252 12.93 11.86 -21.29
N ILE B 253 14.10 11.86 -21.90
CA ILE B 253 15.37 12.03 -21.21
C ILE B 253 15.96 13.33 -21.74
N GLY B 254 15.66 14.42 -21.04
CA GLY B 254 16.04 15.74 -21.52
C GLY B 254 14.96 16.34 -22.39
N SER B 255 15.34 17.41 -23.09
CA SER B 255 14.43 18.12 -23.98
C SER B 255 14.66 17.75 -25.44
N ASN B 256 15.50 16.75 -25.73
CA ASN B 256 15.79 16.34 -27.09
C ASN B 256 15.52 14.87 -27.37
N LEU B 257 15.53 14.02 -26.36
CA LEU B 257 15.29 12.59 -26.52
C LEU B 257 13.89 12.26 -26.02
N SER B 258 13.10 11.61 -26.88
CA SER B 258 11.76 11.18 -26.52
C SER B 258 11.48 9.83 -27.16
N ILE B 259 10.90 8.92 -26.38
CA ILE B 259 10.53 7.59 -26.86
C ILE B 259 9.04 7.41 -26.66
N ARG B 260 8.34 7.06 -27.73
CA ARG B 260 6.91 6.84 -27.64
C ARG B 260 6.64 5.53 -26.92
N ILE B 261 5.85 5.59 -25.85
CA ILE B 261 5.61 4.43 -24.99
C ILE B 261 4.11 4.24 -24.79
N ALA B 262 3.76 3.02 -24.39
CA ALA B 262 2.40 2.69 -23.99
C ALA B 262 2.49 1.88 -22.69
N ALA B 263 1.78 2.32 -21.67
CA ALA B 263 1.86 1.73 -20.34
C ALA B 263 0.56 1.03 -19.99
N TYR B 264 0.66 -0.22 -19.58
CA TYR B 264 -0.48 -1.00 -19.11
C TYR B 264 -0.37 -1.24 -17.62
N LYS B 265 -1.49 -1.59 -17.00
CA LYS B 265 -1.55 -1.88 -15.58
C LYS B 265 -1.38 -3.38 -15.39
N SER B 266 -0.27 -3.78 -14.78
CA SER B 266 -0.02 -5.20 -14.53
C SER B 266 -0.75 -5.67 -13.28
N ILE B 267 -0.45 -5.04 -12.14
CA ILE B 267 -1.04 -5.39 -10.86
C ILE B 267 -2.02 -4.28 -10.48
N LEU B 268 -3.27 -4.66 -10.26
CA LEU B 268 -4.30 -3.71 -9.83
C LEU B 268 -5.35 -4.49 -9.08
N GLN B 269 -5.52 -4.22 -7.80
CA GLN B 269 -6.41 -5.01 -6.97
C GLN B 269 -7.83 -4.97 -7.52
N GLU B 270 -8.43 -6.15 -7.66
CA GLU B 270 -9.78 -6.26 -8.19
C GLU B 270 -10.79 -6.24 -7.06
N ARG B 271 -11.82 -5.42 -7.21
CA ARG B 271 -12.86 -5.27 -6.20
C ARG B 271 -14.22 -5.55 -6.84
N VAL B 272 -15.22 -5.78 -5.98
CA VAL B 272 -16.56 -6.07 -6.47
C VAL B 272 -17.11 -4.85 -7.20
N LYS B 273 -17.65 -5.08 -8.39
CA LYS B 273 -18.15 -3.97 -9.20
C LYS B 273 -19.58 -3.59 -8.80
N LYS B 274 -20.41 -4.57 -8.49
CA LYS B 274 -21.80 -4.29 -8.13
C LYS B 274 -21.89 -3.88 -6.67
N THR B 275 -22.71 -2.86 -6.42
CA THR B 275 -22.87 -2.32 -5.08
C THR B 275 -24.17 -2.83 -4.46
N TRP B 276 -24.15 -2.97 -3.13
CA TRP B 276 -25.35 -3.37 -2.41
C TRP B 276 -26.31 -2.18 -2.32
N THR B 277 -27.53 -2.37 -2.81
CA THR B 277 -28.53 -1.31 -2.83
C THR B 277 -29.41 -1.43 -1.60
N VAL B 278 -29.54 -0.32 -0.87
CA VAL B 278 -30.36 -0.30 0.33
C VAL B 278 -31.82 -0.11 -0.08
N VAL B 279 -32.67 -1.06 0.32
CA VAL B 279 -34.09 -1.02 -0.02
C VAL B 279 -34.91 -1.25 1.25
N ASP B 280 -36.18 -0.87 1.17
CA ASP B 280 -37.09 -1.07 2.29
C ASP B 280 -37.35 -2.56 2.49
N ALA B 281 -37.44 -2.96 3.76
CA ALA B 281 -37.67 -4.37 4.08
C ALA B 281 -39.10 -4.82 3.82
N LYS B 282 -40.04 -3.88 3.64
CA LYS B 282 -41.44 -4.23 3.41
C LYS B 282 -41.81 -4.27 1.94
N THR B 283 -41.23 -3.40 1.12
CA THR B 283 -41.58 -3.32 -0.29
C THR B 283 -40.46 -3.77 -1.21
N LEU B 284 -39.25 -3.98 -0.70
CA LEU B 284 -38.10 -4.44 -1.49
C LEU B 284 -37.84 -3.49 -2.66
N LYS B 285 -38.04 -2.20 -2.44
CA LYS B 285 -37.82 -1.19 -3.45
C LYS B 285 -37.01 -0.04 -2.87
N LYS B 286 -36.25 0.63 -3.73
CA LYS B 286 -35.29 1.63 -3.26
C LYS B 286 -35.84 3.05 -3.25
N GLU B 287 -36.85 3.36 -4.06
CA GLU B 287 -37.34 4.74 -4.11
C GLU B 287 -38.00 5.17 -2.81
N ASP B 288 -38.39 4.23 -1.96
CA ASP B 288 -38.94 4.55 -0.66
C ASP B 288 -37.87 4.91 0.36
N ILE B 289 -36.60 4.72 0.05
CA ILE B 289 -35.49 5.02 0.94
C ILE B 289 -34.57 6.02 0.24
N GLN B 290 -34.29 7.12 0.93
CA GLN B 290 -33.34 8.11 0.42
C GLN B 290 -32.58 8.70 1.59
N LYS B 291 -31.39 9.24 1.28
CA LYS B 291 -30.48 9.75 2.30
C LYS B 291 -30.33 11.25 2.14
N GLU B 292 -30.42 11.97 3.26
CA GLU B 292 -30.23 13.41 3.29
C GLU B 292 -29.35 13.78 4.46
N THR B 293 -28.68 14.92 4.34
CA THR B 293 -27.79 15.44 5.38
C THR B 293 -28.30 16.80 5.85
N VAL B 294 -28.33 16.99 7.16
CA VAL B 294 -28.78 18.23 7.77
C VAL B 294 -27.57 18.91 8.41
N TYR B 295 -27.40 20.20 8.12
CA TYR B 295 -26.28 20.98 8.63
C TYR B 295 -26.74 21.75 9.86
N CYS B 296 -26.12 21.46 11.00
CA CYS B 296 -26.47 22.09 12.26
C CYS B 296 -25.22 22.67 12.90
N LEU B 297 -25.36 23.88 13.46
CA LEU B 297 -24.25 24.51 14.16
C LEU B 297 -23.87 23.70 15.39
N ASN B 298 -22.57 23.65 15.68
CA ASN B 298 -22.09 22.92 16.85
C ASN B 298 -22.61 23.53 18.15
N ASP B 299 -23.06 24.77 18.12
CA ASP B 299 -23.63 25.41 19.30
C ASP B 299 -24.96 24.76 19.67
N ASP B 300 -25.49 25.18 20.82
CA ASP B 300 -26.73 24.61 21.33
C ASP B 300 -27.91 24.97 20.42
N ASP B 301 -29.03 24.29 20.68
CA ASP B 301 -30.32 24.51 20.02
C ASP B 301 -30.34 23.99 18.59
N GLU B 302 -29.18 23.54 18.10
CA GLU B 302 -29.04 22.85 16.82
C GLU B 302 -29.83 23.54 15.70
N THR B 303 -29.44 24.77 15.42
CA THR B 303 -30.09 25.53 14.35
C THR B 303 -29.76 24.91 12.99
N GLU B 304 -30.68 25.04 12.05
CA GLU B 304 -30.53 24.45 10.73
C GLU B 304 -29.93 25.46 9.76
N VAL B 305 -28.97 24.99 8.96
CA VAL B 305 -28.27 25.83 7.98
C VAL B 305 -28.40 25.17 6.62
N LEU B 306 -28.74 25.96 5.60
CA LEU B 306 -28.88 25.45 4.26
C LEU B 306 -27.52 25.34 3.58
N LYS B 307 -27.51 24.67 2.42
CA LYS B 307 -26.26 24.46 1.69
C LYS B 307 -25.67 25.77 1.20
N GLU B 308 -26.51 26.69 0.72
CA GLU B 308 -26.01 27.94 0.17
C GLU B 308 -25.44 28.88 1.23
N ASP B 309 -25.66 28.59 2.52
CA ASP B 309 -25.18 29.43 3.60
C ASP B 309 -23.93 28.88 4.26
N ILE B 310 -23.22 27.98 3.59
CA ILE B 310 -22.02 27.36 4.13
C ILE B 310 -20.87 27.57 3.16
N ILE B 311 -19.75 28.08 3.67
CA ILE B 311 -18.55 28.31 2.89
C ILE B 311 -17.44 27.44 3.47
N GLN B 312 -16.70 26.77 2.58
CA GLN B 312 -15.66 25.86 3.02
C GLN B 312 -14.47 26.61 3.61
N GLY B 313 -13.91 26.08 4.69
CA GLY B 313 -12.74 26.65 5.33
C GLY B 313 -11.73 25.58 5.69
N PHE B 314 -10.58 26.02 6.18
CA PHE B 314 -9.48 25.13 6.53
C PHE B 314 -9.03 25.38 7.96
N ARG B 315 -8.43 24.35 8.55
CA ARG B 315 -7.91 24.42 9.90
C ARG B 315 -6.44 24.79 9.87
N TYR B 316 -6.06 25.79 10.66
CA TYR B 316 -4.67 26.23 10.76
C TYR B 316 -4.35 26.41 12.25
N GLY B 317 -3.75 25.40 12.86
CA GLY B 317 -3.47 25.46 14.28
C GLY B 317 -4.76 25.53 15.07
N SER B 318 -4.84 26.50 15.98
CA SER B 318 -6.04 26.73 16.77
C SER B 318 -7.02 27.68 16.09
N ASP B 319 -6.69 28.16 14.90
CA ASP B 319 -7.55 29.07 14.16
C ASP B 319 -8.08 28.40 12.90
N ILE B 320 -9.14 28.97 12.33
CA ILE B 320 -9.78 28.46 11.13
C ILE B 320 -9.86 29.59 10.12
N VAL B 321 -9.42 29.34 8.90
CA VAL B 321 -9.35 30.36 7.86
C VAL B 321 -10.31 29.96 6.74
N PRO B 322 -11.14 30.87 6.25
CA PRO B 322 -12.02 30.54 5.12
C PRO B 322 -11.22 30.47 3.83
N PHE B 323 -11.45 29.40 3.06
CA PHE B 323 -10.73 29.18 1.81
C PHE B 323 -11.74 28.61 0.81
N SER B 324 -12.30 29.49 -0.01
CA SER B 324 -13.39 29.11 -0.91
C SER B 324 -12.88 28.16 -2.00
N LYS B 325 -13.83 27.44 -2.61
CA LYS B 325 -13.49 26.49 -3.66
C LYS B 325 -12.87 27.19 -4.86
N VAL B 326 -13.42 28.34 -5.24
CA VAL B 326 -12.84 29.10 -6.36
C VAL B 326 -11.44 29.57 -6.02
N ASP B 327 -11.25 30.06 -4.79
CA ASP B 327 -9.92 30.49 -4.36
C ASP B 327 -8.95 29.32 -4.34
N GLU B 328 -9.39 28.15 -3.88
CA GLU B 328 -8.52 26.98 -3.90
C GLU B 328 -8.16 26.58 -5.33
N GLU B 329 -9.14 26.60 -6.23
CA GLU B 329 -8.87 26.22 -7.62
C GLU B 329 -7.89 27.18 -8.27
N GLN B 330 -8.04 28.47 -8.02
CA GLN B 330 -7.08 29.43 -8.56
C GLN B 330 -5.72 29.27 -7.89
N MET B 331 -5.69 28.91 -6.61
CA MET B 331 -4.46 28.79 -5.84
C MET B 331 -3.86 27.39 -5.93
N LYS B 332 -4.55 26.45 -6.55
CA LYS B 332 -4.08 25.07 -6.61
C LYS B 332 -2.80 24.97 -7.42
N TYR B 333 -1.98 23.97 -7.07
CA TYR B 333 -0.77 23.68 -7.83
C TYR B 333 -1.15 23.23 -9.23
N LYS B 334 -0.68 23.94 -10.25
CA LYS B 334 -1.03 23.67 -11.63
C LYS B 334 0.07 22.84 -12.27
N SER B 335 -0.29 21.67 -12.78
CA SER B 335 0.65 20.80 -13.48
C SER B 335 0.57 21.04 -14.98
N GLU B 336 1.71 20.90 -15.65
CA GLU B 336 1.77 21.16 -17.08
C GLU B 336 0.98 20.14 -17.89
N GLY B 337 0.68 18.98 -17.31
CA GLY B 337 -0.14 18.00 -17.98
C GLY B 337 0.49 16.63 -17.91
N LYS B 338 0.05 15.76 -18.82
CA LYS B 338 0.55 14.39 -18.87
C LYS B 338 2.06 14.39 -19.11
N CYS B 339 2.78 13.58 -18.33
CA CYS B 339 4.23 13.53 -18.46
C CYS B 339 4.74 12.21 -17.93
N PHE B 340 5.82 11.73 -18.56
CA PHE B 340 6.58 10.57 -18.09
C PHE B 340 8.04 10.89 -18.38
N SER B 341 8.69 11.53 -17.42
CA SER B 341 10.00 12.14 -17.63
C SER B 341 11.02 11.54 -16.67
N VAL B 342 12.19 11.21 -17.19
CA VAL B 342 13.26 10.63 -16.38
C VAL B 342 13.99 11.74 -15.65
N LEU B 343 14.06 11.63 -14.32
CA LEU B 343 14.82 12.58 -13.53
C LEU B 343 16.28 12.19 -13.39
N GLY B 344 16.59 10.90 -13.50
CA GLY B 344 17.95 10.44 -13.37
C GLY B 344 17.96 8.94 -13.17
N PHE B 345 19.18 8.40 -13.15
CA PHE B 345 19.40 6.97 -12.99
C PHE B 345 20.21 6.72 -11.73
N CYS B 346 19.79 5.73 -10.95
CA CYS B 346 20.46 5.39 -9.70
C CYS B 346 20.64 3.89 -9.61
N LYS B 347 21.58 3.48 -8.76
CA LYS B 347 21.83 2.06 -8.56
C LYS B 347 20.59 1.38 -8.02
N SER B 348 20.35 0.14 -8.50
CA SER B 348 19.14 -0.56 -8.11
C SER B 348 19.11 -0.89 -6.61
N SER B 349 20.28 -1.02 -5.99
CA SER B 349 20.32 -1.32 -4.57
C SER B 349 19.85 -0.16 -3.71
N GLN B 350 19.80 1.05 -4.27
CA GLN B 350 19.36 2.22 -3.50
C GLN B 350 17.84 2.34 -3.42
N VAL B 351 17.09 1.62 -4.25
CA VAL B 351 15.64 1.67 -4.24
C VAL B 351 15.16 0.41 -3.54
N GLN B 352 14.91 0.52 -2.24
CA GLN B 352 14.45 -0.61 -1.47
C GLN B 352 13.02 -0.98 -1.84
N ARG B 353 12.73 -2.28 -1.81
CA ARG B 353 11.39 -2.76 -2.13
C ARG B 353 10.36 -2.33 -1.08
N ARG B 354 10.80 -2.01 0.12
CA ARG B 354 9.88 -1.64 1.20
C ARG B 354 9.33 -0.24 1.06
N PHE B 355 9.85 0.57 0.14
CA PHE B 355 9.41 1.94 -0.03
C PHE B 355 8.39 2.11 -1.15
N PHE B 356 8.04 1.03 -1.85
CA PHE B 356 7.08 1.14 -2.94
C PHE B 356 5.74 1.63 -2.41
N MET B 357 5.16 2.61 -3.10
CA MET B 357 3.89 3.21 -2.73
C MET B 357 2.89 3.03 -3.87
N GLY B 358 1.72 3.63 -3.70
CA GLY B 358 0.68 3.54 -4.71
C GLY B 358 -0.08 2.24 -4.63
N ASN B 359 -1.06 2.11 -5.52
CA ASN B 359 -1.93 0.94 -5.54
C ASN B 359 -1.98 0.30 -6.92
N GLN B 360 -0.90 0.43 -7.69
CA GLN B 360 -0.85 -0.17 -9.02
C GLN B 360 0.59 -0.36 -9.44
N VAL B 361 0.78 -1.23 -10.43
CA VAL B 361 2.07 -1.46 -11.05
C VAL B 361 1.91 -1.32 -12.56
N LEU B 362 2.73 -0.48 -13.17
CA LEU B 362 2.65 -0.19 -14.60
C LEU B 362 3.82 -0.83 -15.32
N LYS B 363 3.51 -1.54 -16.42
CA LYS B 363 4.53 -2.08 -17.30
C LYS B 363 4.55 -1.25 -18.57
N VAL B 364 5.73 -0.75 -18.93
CA VAL B 364 5.89 0.23 -20.01
C VAL B 364 6.52 -0.46 -21.21
N PHE B 365 5.79 -0.51 -22.32
CA PHE B 365 6.31 -0.94 -23.60
C PHE B 365 6.45 0.25 -24.53
N ALA B 366 7.05 -0.01 -25.69
CA ALA B 366 7.08 1.01 -26.73
C ALA B 366 5.71 1.13 -27.38
N ALA B 367 5.57 2.14 -28.24
CA ALA B 367 4.31 2.35 -28.92
C ALA B 367 3.98 1.16 -29.81
N ARG B 368 2.69 0.92 -29.99
CA ARG B 368 2.24 -0.22 -30.79
C ARG B 368 2.77 -0.10 -32.22
N ASP B 369 3.24 -1.24 -32.74
CA ASP B 369 3.82 -1.35 -34.09
C ASP B 369 4.71 -0.16 -34.44
N ASP B 370 5.63 0.14 -33.53
CA ASP B 370 6.63 1.18 -33.74
C ASP B 370 8.02 0.55 -33.58
N GLU B 371 8.74 0.40 -34.69
CA GLU B 371 10.02 -0.28 -34.66
C GLU B 371 11.08 0.58 -33.99
N ALA B 372 11.16 1.87 -34.34
CA ALA B 372 12.18 2.73 -33.78
C ALA B 372 12.01 2.90 -32.28
N ALA B 373 10.76 3.10 -31.83
CA ALA B 373 10.51 3.22 -30.40
C ALA B 373 10.88 1.93 -29.67
N ALA B 374 10.57 0.79 -30.28
CA ALA B 374 10.92 -0.49 -29.67
C ALA B 374 12.43 -0.63 -29.53
N VAL B 375 13.17 -0.26 -30.58
CA VAL B 375 14.62 -0.37 -30.53
C VAL B 375 15.18 0.55 -29.45
N ALA B 376 14.69 1.79 -29.38
CA ALA B 376 15.19 2.71 -28.37
C ALA B 376 14.88 2.23 -26.96
N LEU B 377 13.66 1.75 -26.73
CA LEU B 377 13.30 1.28 -25.40
C LEU B 377 14.09 0.04 -25.01
N SER B 378 14.33 -0.87 -25.96
CA SER B 378 15.14 -2.04 -25.68
C SER B 378 16.58 -1.64 -25.36
N SER B 379 17.10 -0.64 -26.07
CA SER B 379 18.43 -0.12 -25.74
C SER B 379 18.48 0.39 -24.32
N LEU B 380 17.48 1.18 -23.92
CA LEU B 380 17.46 1.69 -22.55
C LEU B 380 17.35 0.57 -21.53
N ILE B 381 16.49 -0.42 -21.80
CA ILE B 381 16.28 -1.51 -20.86
C ILE B 381 17.56 -2.31 -20.68
N HIS B 382 18.23 -2.64 -21.79
CA HIS B 382 19.46 -3.42 -21.70
C HIS B 382 20.58 -2.61 -21.05
N ALA B 383 20.62 -1.29 -21.30
CA ALA B 383 21.60 -0.46 -20.63
C ALA B 383 21.39 -0.44 -19.12
N LEU B 384 20.13 -0.34 -18.68
CA LEU B 384 19.85 -0.40 -17.26
C LEU B 384 20.21 -1.75 -16.67
N ASP B 385 19.89 -2.83 -17.38
CA ASP B 385 20.15 -4.16 -16.85
C ASP B 385 21.65 -4.44 -16.73
N ASP B 386 22.43 -4.05 -17.75
CA ASP B 386 23.86 -4.33 -17.74
C ASP B 386 24.56 -3.55 -16.64
N LEU B 387 24.18 -2.28 -16.45
CA LEU B 387 24.80 -1.46 -15.41
C LEU B 387 24.20 -1.68 -14.03
N ASP B 388 23.12 -2.46 -13.94
CA ASP B 388 22.41 -2.70 -12.68
C ASP B 388 21.99 -1.34 -12.09
N MET B 389 21.12 -0.68 -12.84
CA MET B 389 20.63 0.64 -12.47
C MET B 389 19.14 0.71 -12.79
N VAL B 390 18.48 1.67 -12.14
CA VAL B 390 17.06 1.93 -12.37
C VAL B 390 16.89 3.40 -12.68
N ALA B 391 15.74 3.74 -13.25
CA ALA B 391 15.41 5.10 -13.65
C ALA B 391 14.38 5.67 -12.69
N ILE B 392 14.65 6.87 -12.18
CA ILE B 392 13.69 7.59 -11.36
C ILE B 392 12.93 8.54 -12.27
N VAL B 393 11.62 8.34 -12.37
CA VAL B 393 10.82 9.07 -13.34
C VAL B 393 9.74 9.86 -12.61
N ARG B 394 9.28 10.92 -13.27
CA ARG B 394 8.13 11.69 -12.83
C ARG B 394 6.93 11.31 -13.69
N TYR B 395 5.90 10.77 -13.06
CA TYR B 395 4.74 10.23 -13.77
C TYR B 395 3.51 11.03 -13.40
N ALA B 396 2.81 11.55 -14.39
CA ALA B 396 1.55 12.23 -14.21
C ALA B 396 0.55 11.64 -15.19
N TYR B 397 -0.50 11.00 -14.68
CA TYR B 397 -1.45 10.32 -15.55
C TYR B 397 -2.18 11.30 -16.46
N ASP B 398 -2.55 12.47 -15.93
CA ASP B 398 -3.42 13.38 -16.64
C ASP B 398 -3.05 14.80 -16.27
N LYS B 399 -3.71 15.75 -16.94
CA LYS B 399 -3.47 17.16 -16.64
C LYS B 399 -3.89 17.50 -15.21
N ARG B 400 -5.00 16.95 -14.75
CA ARG B 400 -5.49 17.20 -13.40
C ARG B 400 -4.97 16.20 -12.38
N ALA B 401 -4.21 15.19 -12.81
CA ALA B 401 -3.69 14.20 -11.90
C ALA B 401 -2.53 14.77 -11.08
N ASN B 402 -2.41 14.30 -9.85
CA ASN B 402 -1.30 14.70 -9.00
C ASN B 402 -0.02 14.03 -9.49
N PRO B 403 1.05 14.78 -9.78
CA PRO B 403 2.28 14.15 -10.25
C PRO B 403 2.89 13.27 -9.17
N GLN B 404 3.52 12.18 -9.62
CA GLN B 404 4.20 11.25 -8.73
C GLN B 404 5.64 11.08 -9.18
N VAL B 405 6.45 10.55 -8.27
CA VAL B 405 7.81 10.15 -8.56
C VAL B 405 7.92 8.64 -8.29
N GLY B 406 8.49 7.91 -9.24
CA GLY B 406 8.54 6.47 -9.13
C GLY B 406 9.82 5.93 -9.74
N VAL B 407 9.91 4.60 -9.74
CA VAL B 407 11.09 3.89 -10.22
C VAL B 407 10.68 3.03 -11.41
N ALA B 408 11.45 3.12 -12.49
CA ALA B 408 11.25 2.29 -13.68
C ALA B 408 12.45 1.38 -13.80
N PHE B 409 12.27 0.10 -13.45
CA PHE B 409 13.39 -0.82 -13.51
C PHE B 409 13.17 -1.85 -14.63
N PRO B 410 14.24 -2.31 -15.26
CA PRO B 410 14.09 -3.22 -16.40
C PRO B 410 13.47 -4.55 -16.01
N HIS B 411 12.75 -5.13 -16.96
CA HIS B 411 12.12 -6.44 -16.78
C HIS B 411 12.23 -7.18 -18.11
N ILE B 412 13.16 -8.12 -18.18
CA ILE B 412 13.48 -8.83 -19.42
C ILE B 412 13.07 -10.29 -19.26
N LYS B 413 12.28 -10.79 -20.21
CA LYS B 413 11.88 -12.18 -20.28
C LYS B 413 12.30 -12.76 -21.63
N HIS B 414 12.04 -14.06 -21.80
CA HIS B 414 12.44 -14.76 -23.01
C HIS B 414 11.64 -14.35 -24.23
N ASN B 415 10.54 -13.60 -24.07
CA ASN B 415 9.70 -13.23 -25.20
C ASN B 415 9.32 -11.76 -25.23
N TYR B 416 9.58 -10.98 -24.19
CA TYR B 416 9.23 -9.57 -24.21
C TYR B 416 10.11 -8.82 -23.21
N GLU B 417 10.19 -7.51 -23.41
CA GLU B 417 10.94 -6.62 -22.54
C GLU B 417 10.07 -5.42 -22.19
N CYS B 418 10.22 -4.92 -20.97
CA CYS B 418 9.42 -3.78 -20.53
C CYS B 418 10.10 -3.12 -19.35
N LEU B 419 9.65 -1.90 -19.06
CA LEU B 419 10.04 -1.18 -17.85
C LEU B 419 8.86 -1.20 -16.89
N VAL B 420 9.11 -1.63 -15.65
CA VAL B 420 8.08 -1.72 -14.63
C VAL B 420 8.14 -0.48 -13.77
N TYR B 421 7.02 0.20 -13.62
CA TYR B 421 6.94 1.45 -12.86
C TYR B 421 6.16 1.22 -11.58
N VAL B 422 6.77 1.54 -10.44
CA VAL B 422 6.11 1.52 -9.15
C VAL B 422 6.38 2.87 -8.48
N GLN B 423 5.34 3.47 -7.93
CA GLN B 423 5.48 4.79 -7.32
C GLN B 423 6.35 4.73 -6.07
N LEU B 424 7.21 5.73 -5.92
CA LEU B 424 8.11 5.93 -4.81
C LEU B 424 7.55 6.99 -3.86
N PRO B 425 7.90 6.94 -2.58
CA PRO B 425 7.30 7.86 -1.61
C PRO B 425 7.87 9.26 -1.71
N PHE B 426 7.08 10.22 -1.28
CA PHE B 426 7.55 11.57 -1.02
C PHE B 426 8.08 11.66 0.40
N MET B 427 8.78 12.75 0.71
CA MET B 427 9.34 12.90 2.04
C MET B 427 8.26 12.99 3.11
N GLU B 428 7.04 13.39 2.75
CA GLU B 428 5.95 13.47 3.72
C GLU B 428 5.24 12.14 3.93
N ASP B 429 5.49 11.14 3.09
CA ASP B 429 4.90 9.82 3.26
C ASP B 429 5.72 8.94 4.18
N LEU B 430 6.87 9.40 4.64
CA LEU B 430 7.74 8.60 5.49
C LEU B 430 7.43 8.91 6.95
N ARG B 431 7.30 7.85 7.75
CA ARG B 431 7.03 7.98 9.17
C ARG B 431 8.33 7.84 9.96
N GLN B 432 8.50 8.68 10.96
CA GLN B 432 9.77 8.82 11.68
C GLN B 432 9.69 8.28 13.10
N TYR B 433 8.98 7.17 13.30
CA TYR B 433 9.01 6.53 14.60
C TYR B 433 10.37 5.85 14.81
N MET B 434 10.61 5.45 16.06
CA MET B 434 11.79 4.67 16.40
C MET B 434 11.35 3.48 17.24
N PHE B 435 11.96 2.33 16.99
CA PHE B 435 11.62 1.10 17.67
C PHE B 435 12.81 0.59 18.47
N SER B 436 12.53 -0.03 19.60
CA SER B 436 13.59 -0.57 20.44
C SER B 436 14.32 -1.69 19.71
N SER B 437 15.65 -1.71 19.86
CA SER B 437 16.46 -2.73 19.22
C SER B 437 16.18 -4.09 19.84
N LEU B 438 16.16 -5.11 19.00
CA LEU B 438 15.90 -6.47 19.46
C LEU B 438 17.18 -7.26 19.72
N LYS B 439 18.15 -7.14 18.82
CA LYS B 439 19.40 -7.90 18.97
C LYS B 439 20.16 -7.45 20.21
N ASN B 440 20.21 -6.14 20.47
CA ASN B 440 20.97 -5.63 21.61
C ASN B 440 20.28 -5.87 22.94
N SER B 441 19.01 -6.30 22.94
CA SER B 441 18.29 -6.50 24.18
C SER B 441 18.85 -7.71 24.94
N LYS B 442 19.09 -7.53 26.23
CA LYS B 442 19.58 -8.60 27.08
C LYS B 442 18.46 -9.37 27.76
N LYS B 443 17.21 -8.94 27.61
CA LYS B 443 16.08 -9.63 28.22
C LYS B 443 15.29 -10.48 27.24
N TYR B 444 15.46 -10.26 25.94
CA TYR B 444 14.76 -10.99 24.90
C TYR B 444 15.75 -11.73 24.00
N ALA B 445 16.80 -12.29 24.60
CA ALA B 445 17.83 -12.96 23.82
C ALA B 445 17.60 -14.46 23.86
N PRO B 446 17.22 -15.09 22.75
CA PRO B 446 17.05 -16.55 22.76
C PRO B 446 18.37 -17.26 22.98
N THR B 447 18.29 -18.42 23.63
CA THR B 447 19.48 -19.23 23.86
C THR B 447 19.75 -20.10 22.63
N GLU B 448 20.83 -20.90 22.70
CA GLU B 448 21.21 -21.73 21.56
C GLU B 448 20.18 -22.80 21.29
N ALA B 449 19.61 -23.39 22.34
CA ALA B 449 18.60 -24.44 22.15
C ALA B 449 17.37 -23.89 21.44
N GLN B 450 16.90 -22.70 21.84
CA GLN B 450 15.75 -22.10 21.18
C GLN B 450 16.06 -21.77 19.73
N LEU B 451 17.28 -21.27 19.46
CA LEU B 451 17.68 -20.98 18.09
C LEU B 451 17.69 -22.24 17.24
N ASN B 452 18.22 -23.34 17.78
CA ASN B 452 18.23 -24.59 17.04
C ASN B 452 16.81 -25.10 16.79
N ALA B 453 15.93 -24.95 17.78
CA ALA B 453 14.55 -25.36 17.60
C ALA B 453 13.88 -24.56 16.49
N VAL B 454 14.10 -23.25 16.45
CA VAL B 454 13.53 -22.42 15.40
C VAL B 454 14.13 -22.78 14.04
N ASP B 455 15.43 -23.10 14.02
CA ASP B 455 16.07 -23.54 12.78
C ASP B 455 15.40 -24.81 12.25
N ALA B 456 15.17 -25.78 13.12
CA ALA B 456 14.49 -27.00 12.71
C ALA B 456 13.08 -26.71 12.23
N LEU B 457 12.37 -25.81 12.90
CA LEU B 457 11.02 -25.46 12.49
C LEU B 457 11.01 -24.83 11.11
N ILE B 458 11.96 -23.92 10.84
CA ILE B 458 12.03 -23.29 9.53
C ILE B 458 12.38 -24.31 8.46
N ASP B 459 13.27 -25.25 8.78
CA ASP B 459 13.61 -26.29 7.82
C ASP B 459 12.41 -27.16 7.49
N SER B 460 11.60 -27.49 8.50
CA SER B 460 10.48 -28.40 8.28
C SER B 460 9.37 -27.73 7.47
N MET B 461 9.11 -26.46 7.71
CA MET B 461 8.01 -25.74 7.05
C MET B 461 8.42 -25.08 5.75
N SER B 462 9.42 -25.61 5.06
CA SER B 462 9.84 -25.02 3.80
C SER B 462 8.74 -25.16 2.76
N LEU B 463 8.48 -24.06 2.05
CA LEU B 463 7.46 -24.03 1.00
C LEU B 463 8.05 -24.16 -0.40
N ALA B 464 9.35 -24.46 -0.51
CA ALA B 464 10.00 -24.61 -1.80
C ALA B 464 10.82 -25.89 -1.80
N LYS B 465 10.92 -26.51 -2.97
CA LYS B 465 11.65 -27.75 -3.16
C LYS B 465 12.85 -27.47 -4.05
N LYS B 466 14.05 -27.61 -3.50
CA LYS B 466 15.28 -27.44 -4.26
C LYS B 466 15.42 -28.66 -5.17
N ASP B 467 15.02 -28.50 -6.43
CA ASP B 467 14.98 -29.63 -7.34
C ASP B 467 16.39 -30.16 -7.61
N GLU B 468 16.49 -31.47 -7.81
CA GLU B 468 17.76 -32.11 -8.09
C GLU B 468 18.07 -32.04 -9.59
N LYS B 469 19.35 -32.25 -9.90
CA LYS B 469 19.90 -32.26 -11.26
C LYS B 469 19.73 -30.93 -11.98
N THR B 470 19.29 -29.89 -11.28
CA THR B 470 19.13 -28.55 -11.86
C THR B 470 18.98 -27.55 -10.72
N ASP B 471 19.51 -26.34 -10.94
CA ASP B 471 19.47 -25.30 -9.92
C ASP B 471 18.20 -24.45 -10.08
N THR B 472 17.06 -25.11 -9.89
CA THR B 472 15.76 -24.46 -10.00
C THR B 472 14.97 -24.73 -8.73
N LEU B 473 14.37 -23.67 -8.18
CA LEU B 473 13.55 -23.79 -6.99
C LEU B 473 12.08 -23.94 -7.40
N GLU B 474 11.46 -25.04 -6.98
CA GLU B 474 10.06 -25.29 -7.26
C GLU B 474 9.21 -24.77 -6.10
N ASP B 475 8.20 -23.99 -6.42
CA ASP B 475 7.32 -23.40 -5.42
C ASP B 475 6.20 -24.38 -5.11
N LEU B 476 6.17 -24.88 -3.87
CA LEU B 476 5.14 -25.82 -3.46
C LEU B 476 3.80 -25.13 -3.24
N PHE B 477 3.82 -23.86 -2.86
CA PHE B 477 2.60 -23.10 -2.53
C PHE B 477 2.62 -21.78 -3.30
N PRO B 478 2.34 -21.81 -4.60
CA PRO B 478 2.33 -20.57 -5.42
C PRO B 478 1.04 -19.77 -5.24
N THR B 479 1.04 -18.92 -4.20
CA THR B 479 -0.18 -18.20 -3.84
C THR B 479 -0.61 -17.20 -4.92
N THR B 480 0.33 -16.70 -5.71
CA THR B 480 -0.01 -15.69 -6.71
C THR B 480 -0.88 -16.23 -7.83
N LYS B 481 -1.02 -17.55 -7.96
CA LYS B 481 -1.90 -18.16 -8.94
C LYS B 481 -3.25 -18.54 -8.36
N ILE B 482 -3.48 -18.27 -7.08
CA ILE B 482 -4.74 -18.62 -6.41
C ILE B 482 -5.73 -17.48 -6.58
N PRO B 483 -6.95 -17.75 -7.04
CA PRO B 483 -7.94 -16.69 -7.18
C PRO B 483 -8.38 -16.16 -5.82
N ASN B 484 -8.89 -14.95 -5.82
CA ASN B 484 -9.38 -14.35 -4.59
C ASN B 484 -10.60 -15.12 -4.10
N PRO B 485 -10.55 -15.70 -2.91
CA PRO B 485 -11.69 -16.50 -2.43
C PRO B 485 -12.96 -15.69 -2.22
N ARG B 486 -12.85 -14.39 -1.99
CA ARG B 486 -14.03 -13.60 -1.67
C ARG B 486 -15.03 -13.58 -2.82
N PHE B 487 -14.53 -13.50 -4.05
CA PHE B 487 -15.42 -13.42 -5.20
C PHE B 487 -16.21 -14.71 -5.38
N GLN B 488 -15.53 -15.86 -5.30
CA GLN B 488 -16.24 -17.12 -5.45
C GLN B 488 -17.18 -17.37 -4.29
N ARG B 489 -16.78 -17.00 -3.07
CA ARG B 489 -17.68 -17.15 -1.93
C ARG B 489 -18.92 -16.29 -2.09
N LEU B 490 -18.75 -15.05 -2.53
CA LEU B 490 -19.89 -14.16 -2.74
C LEU B 490 -20.80 -14.69 -3.85
N PHE B 491 -20.21 -15.21 -4.93
CA PHE B 491 -21.02 -15.77 -6.01
C PHE B 491 -21.80 -16.98 -5.53
N GLN B 492 -21.18 -17.83 -4.72
CA GLN B 492 -21.89 -18.99 -4.18
C GLN B 492 -23.06 -18.54 -3.29
N CYS B 493 -22.82 -17.56 -2.43
CA CYS B 493 -23.90 -17.07 -1.56
C CYS B 493 -25.03 -16.47 -2.37
N LEU B 494 -24.69 -15.66 -3.39
CA LEU B 494 -25.71 -15.05 -4.23
C LEU B 494 -26.53 -16.10 -4.97
N LEU B 495 -25.86 -17.10 -5.53
CA LEU B 495 -26.58 -18.15 -6.25
C LEU B 495 -27.48 -18.94 -5.32
N HIS B 496 -26.99 -19.26 -4.11
CA HIS B 496 -27.82 -19.99 -3.15
C HIS B 496 -29.04 -19.17 -2.76
N ARG B 497 -28.86 -17.86 -2.55
CA ARG B 497 -30.02 -17.03 -2.21
C ARG B 497 -30.99 -16.92 -3.37
N ALA B 498 -30.48 -16.81 -4.59
CA ALA B 498 -31.36 -16.68 -5.75
C ALA B 498 -32.17 -17.94 -5.99
N LEU B 499 -31.54 -19.12 -5.86
CA LEU B 499 -32.25 -20.35 -6.15
C LEU B 499 -33.14 -20.80 -4.99
N HIS B 500 -32.69 -20.60 -3.75
CA HIS B 500 -33.44 -20.97 -2.55
C HIS B 500 -33.52 -19.77 -1.63
N PRO B 501 -34.46 -18.85 -1.88
CA PRO B 501 -34.53 -17.64 -1.06
C PRO B 501 -35.30 -17.86 0.23
N ARG B 502 -35.07 -19.01 0.89
CA ARG B 502 -35.70 -19.32 2.15
C ARG B 502 -34.75 -20.00 3.12
N GLU B 503 -33.44 -20.00 2.84
CA GLU B 503 -32.49 -20.76 3.63
C GLU B 503 -31.31 -19.89 4.02
N PRO B 504 -30.63 -20.23 5.12
CA PRO B 504 -29.43 -19.48 5.51
C PRO B 504 -28.30 -19.69 4.51
N LEU B 505 -27.33 -18.81 4.58
CA LEU B 505 -26.19 -18.88 3.67
C LEU B 505 -25.44 -20.19 3.87
N PRO B 506 -25.00 -20.83 2.79
CA PRO B 506 -24.33 -22.12 2.91
C PRO B 506 -22.93 -21.95 3.48
N PRO B 507 -22.36 -23.01 4.05
CA PRO B 507 -20.98 -22.93 4.55
C PRO B 507 -19.99 -22.79 3.40
N ILE B 508 -18.80 -22.28 3.75
CA ILE B 508 -17.75 -22.14 2.75
C ILE B 508 -17.38 -23.51 2.20
N GLN B 509 -17.25 -23.58 0.88
CA GLN B 509 -16.97 -24.86 0.23
C GLN B 509 -15.61 -25.39 0.64
N GLN B 510 -15.51 -26.72 0.69
CA GLN B 510 -14.31 -27.36 1.20
C GLN B 510 -13.11 -27.10 0.31
N HIS B 511 -13.31 -27.03 -1.01
CA HIS B 511 -12.18 -26.83 -1.90
C HIS B 511 -11.58 -25.43 -1.73
N ILE B 512 -12.36 -24.45 -1.28
CA ILE B 512 -11.80 -23.14 -0.98
C ILE B 512 -10.80 -23.25 0.17
N TRP B 513 -11.19 -23.94 1.24
CA TRP B 513 -10.28 -24.14 2.36
C TRP B 513 -9.06 -24.94 1.92
N ASN B 514 -9.26 -25.95 1.08
CA ASN B 514 -8.13 -26.76 0.61
C ASN B 514 -7.14 -25.92 -0.19
N MET B 515 -7.64 -25.05 -1.06
CA MET B 515 -6.76 -24.21 -1.87
C MET B 515 -6.16 -23.05 -1.08
N LEU B 516 -6.75 -22.69 0.06
CA LEU B 516 -6.18 -21.66 0.91
C LEU B 516 -5.19 -22.22 1.94
N ASN B 517 -5.00 -23.53 2.00
CA ASN B 517 -4.13 -24.15 2.97
C ASN B 517 -2.87 -24.71 2.32
N PRO B 518 -1.76 -24.76 3.05
CA PRO B 518 -0.53 -25.32 2.48
C PRO B 518 -0.65 -26.80 2.27
N PRO B 519 0.24 -27.41 1.48
CA PRO B 519 0.16 -28.86 1.25
C PRO B 519 0.28 -29.63 2.54
N ALA B 520 -0.40 -30.79 2.58
CA ALA B 520 -0.42 -31.60 3.79
C ALA B 520 0.96 -32.08 4.19
N GLU B 521 1.88 -32.20 3.24
CA GLU B 521 3.24 -32.61 3.57
C GLU B 521 3.91 -31.60 4.50
N VAL B 522 3.68 -30.30 4.25
CA VAL B 522 4.26 -29.28 5.10
C VAL B 522 3.75 -29.39 6.53
N THR B 523 2.43 -29.57 6.68
CA THR B 523 1.86 -29.67 8.02
C THR B 523 2.34 -30.94 8.73
N THR B 524 2.39 -32.06 8.02
CA THR B 524 2.83 -33.30 8.65
C THR B 524 4.29 -33.24 9.07
N LYS B 525 5.14 -32.63 8.24
CA LYS B 525 6.56 -32.56 8.56
C LYS B 525 6.87 -31.61 9.70
N SER B 526 5.91 -30.78 10.11
CA SER B 526 6.14 -29.74 11.11
C SER B 526 5.35 -29.99 12.39
N GLN B 527 5.27 -31.25 12.82
CA GLN B 527 4.60 -31.55 14.09
C GLN B 527 5.59 -31.60 15.23
N ILE B 528 6.65 -32.41 15.10
CA ILE B 528 7.67 -32.47 16.14
C ILE B 528 8.38 -31.13 16.33
N PRO B 529 8.81 -30.40 15.28
CA PRO B 529 9.40 -29.08 15.53
C PRO B 529 8.44 -28.11 16.20
N LEU B 530 7.16 -28.15 15.86
CA LEU B 530 6.21 -27.25 16.51
C LEU B 530 6.02 -27.62 17.96
N SER B 531 6.01 -28.92 18.28
CA SER B 531 5.94 -29.33 19.68
C SER B 531 7.18 -28.87 20.44
N LYS B 532 8.36 -28.96 19.81
CA LYS B 532 9.58 -28.47 20.45
C LYS B 532 9.51 -26.96 20.69
N ILE B 533 8.99 -26.21 19.72
CA ILE B 533 8.83 -24.77 19.90
C ILE B 533 7.89 -24.49 21.06
N LYS B 534 6.79 -25.25 21.15
CA LYS B 534 5.84 -25.05 22.24
C LYS B 534 6.48 -25.34 23.59
N THR B 535 7.29 -26.39 23.67
CA THR B 535 7.89 -26.75 24.95
C THR B 535 9.15 -25.96 25.27
N LEU B 536 9.67 -25.18 24.33
CA LEU B 536 10.88 -24.40 24.59
C LEU B 536 10.63 -22.90 24.73
N PHE B 537 9.49 -22.40 24.27
CA PHE B 537 9.16 -20.98 24.41
C PHE B 537 7.95 -20.82 25.31
N PRO B 538 8.13 -20.45 26.58
CA PRO B 538 6.97 -20.25 27.45
C PRO B 538 6.20 -18.98 27.12
N LEU B 539 5.00 -19.14 26.59
CA LEU B 539 4.13 -18.02 26.26
C LEU B 539 2.93 -18.04 27.18
N ILE B 540 2.71 -16.94 27.91
CA ILE B 540 1.61 -16.80 28.85
C ILE B 540 0.82 -15.56 28.49
N GLU B 541 -0.49 -15.73 28.31
CA GLU B 541 -1.35 -14.60 27.98
C GLU B 541 -1.62 -13.77 29.23
N ALA B 542 -1.24 -12.50 29.19
CA ALA B 542 -1.40 -11.63 30.35
C ALA B 542 -2.87 -11.43 30.67
N LYS B 543 -3.18 -11.36 31.96
CA LYS B 543 -4.56 -11.19 32.42
C LYS B 543 -5.02 -9.75 32.23
N CYS C 1 18.64 10.77 22.79
CA CYS C 1 18.67 9.87 21.64
C CYS C 1 19.30 10.54 20.42
N PRO C 2 20.23 9.85 19.77
CA PRO C 2 20.89 10.44 18.59
C PRO C 2 19.91 10.63 17.44
N GLY C 3 20.14 11.68 16.67
CA GLY C 3 19.30 11.95 15.52
C GLY C 3 17.88 12.36 15.84
N GLU C 4 17.57 12.65 17.09
CA GLU C 4 16.21 13.02 17.48
C GLU C 4 15.95 14.47 17.13
N SER C 5 14.74 14.72 16.63
CA SER C 5 14.36 16.08 16.24
C SER C 5 14.12 16.95 17.46
N LEU C 6 14.55 18.20 17.38
CA LEU C 6 14.29 19.15 18.46
C LEU C 6 12.86 19.66 18.45
N ILE C 7 12.27 19.82 17.27
CA ILE C 7 10.90 20.33 17.19
C ILE C 7 9.91 19.30 17.73
N ASN C 8 10.04 18.05 17.31
CA ASN C 8 9.12 16.98 17.70
C ASN C 8 9.89 15.88 18.41
N PRO C 9 9.96 15.89 19.73
CA PRO C 9 10.68 14.82 20.44
C PRO C 9 10.02 13.47 20.22
N GLY C 10 10.84 12.43 20.19
CA GLY C 10 10.37 11.10 19.90
C GLY C 10 10.37 10.73 18.43
N PHE C 11 10.67 11.69 17.56
CA PHE C 11 10.73 11.46 16.12
C PHE C 11 12.14 11.74 15.61
N LYS C 12 12.41 11.28 14.40
CA LYS C 12 13.68 11.55 13.75
C LYS C 12 13.63 12.89 13.04
N SER C 13 14.76 13.57 13.00
CA SER C 13 14.82 14.88 12.36
C SER C 13 14.79 14.73 10.86
N ARG C 14 13.89 15.46 10.20
CA ARG C 14 13.77 15.43 8.76
C ARG C 14 14.83 16.34 8.14
N LYS C 15 15.67 15.79 7.29
CA LYS C 15 16.66 16.56 6.59
C LYS C 15 16.06 17.16 5.32
N PRO C 16 16.62 18.26 4.82
CA PRO C 16 16.11 18.85 3.58
C PRO C 16 16.20 17.87 2.43
N ALA C 17 15.22 17.96 1.52
CA ALA C 17 15.11 17.00 0.43
C ALA C 17 16.35 17.04 -0.45
N GLY C 18 16.57 18.13 -1.15
CA GLY C 18 17.73 18.24 -2.01
C GLY C 18 17.45 17.93 -3.47
N GLY C 19 16.59 16.94 -3.71
CA GLY C 19 16.21 16.61 -5.06
C GLY C 19 17.21 15.72 -5.77
N VAL C 20 17.50 16.04 -7.04
CA VAL C 20 18.43 15.28 -7.86
C VAL C 20 19.70 16.10 -8.03
N ASP C 21 20.84 15.50 -7.68
CA ASP C 21 22.13 16.16 -7.80
C ASP C 21 23.08 15.19 -8.51
N PHE C 22 23.41 15.50 -9.77
CA PHE C 22 24.26 14.61 -10.55
C PHE C 22 25.68 14.65 -10.01
N ASP C 23 26.38 13.52 -10.18
CA ASP C 23 27.74 13.38 -9.70
C ASP C 23 28.74 14.04 -10.65
P PO4 F . 5.22 -13.33 -14.86
O1 PO4 F . 5.39 -13.16 -16.35
O2 PO4 F . 4.09 -14.30 -14.60
O3 PO4 F . 6.50 -13.87 -14.27
O4 PO4 F . 4.89 -12.00 -14.23
#